data_1TPT
# 
_entry.id   1TPT 
# 
_audit_conform.dict_name       mmcif_pdbx.dic 
_audit_conform.dict_version    5.386 
_audit_conform.dict_location   http://mmcif.pdb.org/dictionaries/ascii/mmcif_pdbx.dic 
# 
loop_
_database_2.database_id 
_database_2.database_code 
_database_2.pdbx_database_accession 
_database_2.pdbx_DOI 
PDB   1TPT         pdb_00001tpt 10.2210/pdb1tpt/pdb 
WWPDB D_1000176792 ?            ?                   
# 
loop_
_pdbx_audit_revision_history.ordinal 
_pdbx_audit_revision_history.data_content_type 
_pdbx_audit_revision_history.major_revision 
_pdbx_audit_revision_history.minor_revision 
_pdbx_audit_revision_history.revision_date 
1 'Structure model' 1 0 1991-07-15 
2 'Structure model' 1 1 2008-03-03 
3 'Structure model' 1 2 2011-07-13 
4 'Structure model' 1 3 2024-02-14 
# 
_pdbx_audit_revision_details.ordinal             1 
_pdbx_audit_revision_details.revision_ordinal    1 
_pdbx_audit_revision_details.data_content_type   'Structure model' 
_pdbx_audit_revision_details.provider            repository 
_pdbx_audit_revision_details.type                'Initial release' 
_pdbx_audit_revision_details.description         ? 
_pdbx_audit_revision_details.details             ? 
# 
loop_
_pdbx_audit_revision_group.ordinal 
_pdbx_audit_revision_group.revision_ordinal 
_pdbx_audit_revision_group.data_content_type 
_pdbx_audit_revision_group.group 
1 2 'Structure model' 'Version format compliance' 
2 3 'Structure model' 'Version format compliance' 
3 4 'Structure model' 'Data collection'           
4 4 'Structure model' 'Database references'       
5 4 'Structure model' Other                       
# 
loop_
_pdbx_audit_revision_category.ordinal 
_pdbx_audit_revision_category.revision_ordinal 
_pdbx_audit_revision_category.data_content_type 
_pdbx_audit_revision_category.category 
1 4 'Structure model' chem_comp_atom       
2 4 'Structure model' chem_comp_bond       
3 4 'Structure model' database_2           
4 4 'Structure model' pdbx_database_status 
5 4 'Structure model' struct_ref_seq_dif   
# 
loop_
_pdbx_audit_revision_item.ordinal 
_pdbx_audit_revision_item.revision_ordinal 
_pdbx_audit_revision_item.data_content_type 
_pdbx_audit_revision_item.item 
1 4 'Structure model' '_database_2.pdbx_DOI'                
2 4 'Structure model' '_database_2.pdbx_database_accession' 
3 4 'Structure model' '_pdbx_database_status.process_site'  
4 4 'Structure model' '_struct_ref_seq_dif.details'         
# 
_pdbx_database_status.status_code                     REL 
_pdbx_database_status.entry_id                        1TPT 
_pdbx_database_status.recvd_initial_deposition_date   1990-06-14 
_pdbx_database_status.deposit_site                    ? 
_pdbx_database_status.process_site                    BNL 
_pdbx_database_status.SG_entry                        . 
_pdbx_database_status.pdb_format_compatible           Y 
_pdbx_database_status.status_code_mr                  ? 
_pdbx_database_status.status_code_sf                  ? 
_pdbx_database_status.status_code_cs                  ? 
_pdbx_database_status.status_code_nmr_data            ? 
_pdbx_database_status.methods_development_category    ? 
# 
loop_
_audit_author.name 
_audit_author.pdbx_ordinal 
'Walter, M.R.'    1 
'Cook, W.J.'      2 
'Cole, L.B.'      3 
'Short, S.A.'     4 
'Koszalka, G.W.'  5 
'Krenitsky, T.A.' 6 
'Ealick, S.E.'    7 
# 
_citation.id                        primary 
_citation.title                     
'Three-dimensional structure of thymidine phosphorylase from Escherichia coli at 2.8 A resolution.' 
_citation.journal_abbrev            J.Biol.Chem. 
_citation.journal_volume            265 
_citation.page_first                14016 
_citation.page_last                 14022 
_citation.year                      1990 
_citation.journal_id_ASTM           JBCHA3 
_citation.country                   US 
_citation.journal_id_ISSN           0021-9258 
_citation.journal_id_CSD            0071 
_citation.book_publisher            ? 
_citation.pdbx_database_id_PubMed   2199449 
_citation.pdbx_database_id_DOI      ? 
# 
loop_
_citation_author.citation_id 
_citation_author.name 
_citation_author.ordinal 
_citation_author.identifier_ORCID 
primary 'Walter, M.R.'    1 ? 
primary 'Cook, W.J.'      2 ? 
primary 'Cole, L.B.'      3 ? 
primary 'Short, S.A.'     4 ? 
primary 'Koszalka, G.W.'  5 ? 
primary 'Krenitsky, T.A.' 6 ? 
primary 'Ealick, S.E.'    7 ? 
# 
loop_
_entity.id 
_entity.type 
_entity.src_method 
_entity.pdbx_description 
_entity.formula_weight 
_entity.pdbx_number_of_molecules 
_entity.pdbx_ec 
_entity.pdbx_mutation 
_entity.pdbx_fragment 
_entity.details 
1 polymer     man 'THYMIDINE PHOSPHORYLASE' 47240.988 1 2.4.2.4 ? ? ? 
2 non-polymer syn 'SULFATE ION'             96.063    1 ?       ? ? ? 
3 non-polymer syn THYMINE                   126.113   1 ?       ? ? ? 
# 
_entity_poly.entity_id                      1 
_entity_poly.type                           'polypeptide(L)' 
_entity_poly.nstd_linkage                   no 
_entity_poly.nstd_monomer                   no 
_entity_poly.pdbx_seq_one_letter_code       
;LFLAQEIIRKKRDGHALSDEEIRFFINGIRDNTISEGQIAALAMTIFFHDMTMPERVSLTMAMRDSGTVLDWKSLHLNGP
IVDKHSTGGVGDVTSLMLGPMVAACGGYIPMISGRGLGHTGGTLDKLESIPGFDIFPDDNRFREIIKDVGVAIIGQTSSL
APADKRFYATRDITATVDSIPLITASILAKKLAEGLDALVMDVKVGSGAFMPTYELSEALAEAIVGVANGAGVRTTALLT
DMNQVLASSAGNAVEVREAVQFLTGEYRNPRLFDVTMALCVEMLISGKLAKDDAEARAKLQAVLDNGKAAEVFGRMVAAQ
KGPTDFVENYAKYLPTAMLTKAVYADTEGFVSEMDTRALGMAVVAMGGGRRQASDTIDYSVGFTDMARLGDQVDGQRPLA
VIHAKDENNWQEAAKAVKAAIKLADKAPESTPTVYRRISE
;
_entity_poly.pdbx_seq_one_letter_code_can   
;LFLAQEIIRKKRDGHALSDEEIRFFINGIRDNTISEGQIAALAMTIFFHDMTMPERVSLTMAMRDSGTVLDWKSLHLNGP
IVDKHSTGGVGDVTSLMLGPMVAACGGYIPMISGRGLGHTGGTLDKLESIPGFDIFPDDNRFREIIKDVGVAIIGQTSSL
APADKRFYATRDITATVDSIPLITASILAKKLAEGLDALVMDVKVGSGAFMPTYELSEALAEAIVGVANGAGVRTTALLT
DMNQVLASSAGNAVEVREAVQFLTGEYRNPRLFDVTMALCVEMLISGKLAKDDAEARAKLQAVLDNGKAAEVFGRMVAAQ
KGPTDFVENYAKYLPTAMLTKAVYADTEGFVSEMDTRALGMAVVAMGGGRRQASDTIDYSVGFTDMARLGDQVDGQRPLA
VIHAKDENNWQEAAKAVKAAIKLADKAPESTPTVYRRISE
;
_entity_poly.pdbx_strand_id                 A 
_entity_poly.pdbx_target_identifier         ? 
# 
loop_
_pdbx_entity_nonpoly.entity_id 
_pdbx_entity_nonpoly.name 
_pdbx_entity_nonpoly.comp_id 
2 'SULFATE ION' SO4 
3 THYMINE       TDR 
# 
loop_
_entity_poly_seq.entity_id 
_entity_poly_seq.num 
_entity_poly_seq.mon_id 
_entity_poly_seq.hetero 
1 1   LEU n 
1 2   PHE n 
1 3   LEU n 
1 4   ALA n 
1 5   GLN n 
1 6   GLU n 
1 7   ILE n 
1 8   ILE n 
1 9   ARG n 
1 10  LYS n 
1 11  LYS n 
1 12  ARG n 
1 13  ASP n 
1 14  GLY n 
1 15  HIS n 
1 16  ALA n 
1 17  LEU n 
1 18  SER n 
1 19  ASP n 
1 20  GLU n 
1 21  GLU n 
1 22  ILE n 
1 23  ARG n 
1 24  PHE n 
1 25  PHE n 
1 26  ILE n 
1 27  ASN n 
1 28  GLY n 
1 29  ILE n 
1 30  ARG n 
1 31  ASP n 
1 32  ASN n 
1 33  THR n 
1 34  ILE n 
1 35  SER n 
1 36  GLU n 
1 37  GLY n 
1 38  GLN n 
1 39  ILE n 
1 40  ALA n 
1 41  ALA n 
1 42  LEU n 
1 43  ALA n 
1 44  MET n 
1 45  THR n 
1 46  ILE n 
1 47  PHE n 
1 48  PHE n 
1 49  HIS n 
1 50  ASP n 
1 51  MET n 
1 52  THR n 
1 53  MET n 
1 54  PRO n 
1 55  GLU n 
1 56  ARG n 
1 57  VAL n 
1 58  SER n 
1 59  LEU n 
1 60  THR n 
1 61  MET n 
1 62  ALA n 
1 63  MET n 
1 64  ARG n 
1 65  ASP n 
1 66  SER n 
1 67  GLY n 
1 68  THR n 
1 69  VAL n 
1 70  LEU n 
1 71  ASP n 
1 72  TRP n 
1 73  LYS n 
1 74  SER n 
1 75  LEU n 
1 76  HIS n 
1 77  LEU n 
1 78  ASN n 
1 79  GLY n 
1 80  PRO n 
1 81  ILE n 
1 82  VAL n 
1 83  ASP n 
1 84  LYS n 
1 85  HIS n 
1 86  SER n 
1 87  THR n 
1 88  GLY n 
1 89  GLY n 
1 90  VAL n 
1 91  GLY n 
1 92  ASP n 
1 93  VAL n 
1 94  THR n 
1 95  SER n 
1 96  LEU n 
1 97  MET n 
1 98  LEU n 
1 99  GLY n 
1 100 PRO n 
1 101 MET n 
1 102 VAL n 
1 103 ALA n 
1 104 ALA n 
1 105 CYS n 
1 106 GLY n 
1 107 GLY n 
1 108 TYR n 
1 109 ILE n 
1 110 PRO n 
1 111 MET n 
1 112 ILE n 
1 113 SER n 
1 114 GLY n 
1 115 ARG n 
1 116 GLY n 
1 117 LEU n 
1 118 GLY n 
1 119 HIS n 
1 120 THR n 
1 121 GLY n 
1 122 GLY n 
1 123 THR n 
1 124 LEU n 
1 125 ASP n 
1 126 LYS n 
1 127 LEU n 
1 128 GLU n 
1 129 SER n 
1 130 ILE n 
1 131 PRO n 
1 132 GLY n 
1 133 PHE n 
1 134 ASP n 
1 135 ILE n 
1 136 PHE n 
1 137 PRO n 
1 138 ASP n 
1 139 ASP n 
1 140 ASN n 
1 141 ARG n 
1 142 PHE n 
1 143 ARG n 
1 144 GLU n 
1 145 ILE n 
1 146 ILE n 
1 147 LYS n 
1 148 ASP n 
1 149 VAL n 
1 150 GLY n 
1 151 VAL n 
1 152 ALA n 
1 153 ILE n 
1 154 ILE n 
1 155 GLY n 
1 156 GLN n 
1 157 THR n 
1 158 SER n 
1 159 SER n 
1 160 LEU n 
1 161 ALA n 
1 162 PRO n 
1 163 ALA n 
1 164 ASP n 
1 165 LYS n 
1 166 ARG n 
1 167 PHE n 
1 168 TYR n 
1 169 ALA n 
1 170 THR n 
1 171 ARG n 
1 172 ASP n 
1 173 ILE n 
1 174 THR n 
1 175 ALA n 
1 176 THR n 
1 177 VAL n 
1 178 ASP n 
1 179 SER n 
1 180 ILE n 
1 181 PRO n 
1 182 LEU n 
1 183 ILE n 
1 184 THR n 
1 185 ALA n 
1 186 SER n 
1 187 ILE n 
1 188 LEU n 
1 189 ALA n 
1 190 LYS n 
1 191 LYS n 
1 192 LEU n 
1 193 ALA n 
1 194 GLU n 
1 195 GLY n 
1 196 LEU n 
1 197 ASP n 
1 198 ALA n 
1 199 LEU n 
1 200 VAL n 
1 201 MET n 
1 202 ASP n 
1 203 VAL n 
1 204 LYS n 
1 205 VAL n 
1 206 GLY n 
1 207 SER n 
1 208 GLY n 
1 209 ALA n 
1 210 PHE n 
1 211 MET n 
1 212 PRO n 
1 213 THR n 
1 214 TYR n 
1 215 GLU n 
1 216 LEU n 
1 217 SER n 
1 218 GLU n 
1 219 ALA n 
1 220 LEU n 
1 221 ALA n 
1 222 GLU n 
1 223 ALA n 
1 224 ILE n 
1 225 VAL n 
1 226 GLY n 
1 227 VAL n 
1 228 ALA n 
1 229 ASN n 
1 230 GLY n 
1 231 ALA n 
1 232 GLY n 
1 233 VAL n 
1 234 ARG n 
1 235 THR n 
1 236 THR n 
1 237 ALA n 
1 238 LEU n 
1 239 LEU n 
1 240 THR n 
1 241 ASP n 
1 242 MET n 
1 243 ASN n 
1 244 GLN n 
1 245 VAL n 
1 246 LEU n 
1 247 ALA n 
1 248 SER n 
1 249 SER n 
1 250 ALA n 
1 251 GLY n 
1 252 ASN n 
1 253 ALA n 
1 254 VAL n 
1 255 GLU n 
1 256 VAL n 
1 257 ARG n 
1 258 GLU n 
1 259 ALA n 
1 260 VAL n 
1 261 GLN n 
1 262 PHE n 
1 263 LEU n 
1 264 THR n 
1 265 GLY n 
1 266 GLU n 
1 267 TYR n 
1 268 ARG n 
1 269 ASN n 
1 270 PRO n 
1 271 ARG n 
1 272 LEU n 
1 273 PHE n 
1 274 ASP n 
1 275 VAL n 
1 276 THR n 
1 277 MET n 
1 278 ALA n 
1 279 LEU n 
1 280 CYS n 
1 281 VAL n 
1 282 GLU n 
1 283 MET n 
1 284 LEU n 
1 285 ILE n 
1 286 SER n 
1 287 GLY n 
1 288 LYS n 
1 289 LEU n 
1 290 ALA n 
1 291 LYS n 
1 292 ASP n 
1 293 ASP n 
1 294 ALA n 
1 295 GLU n 
1 296 ALA n 
1 297 ARG n 
1 298 ALA n 
1 299 LYS n 
1 300 LEU n 
1 301 GLN n 
1 302 ALA n 
1 303 VAL n 
1 304 LEU n 
1 305 ASP n 
1 306 ASN n 
1 307 GLY n 
1 308 LYS n 
1 309 ALA n 
1 310 ALA n 
1 311 GLU n 
1 312 VAL n 
1 313 PHE n 
1 314 GLY n 
1 315 ARG n 
1 316 MET n 
1 317 VAL n 
1 318 ALA n 
1 319 ALA n 
1 320 GLN n 
1 321 LYS n 
1 322 GLY n 
1 323 PRO n 
1 324 THR n 
1 325 ASP n 
1 326 PHE n 
1 327 VAL n 
1 328 GLU n 
1 329 ASN n 
1 330 TYR n 
1 331 ALA n 
1 332 LYS n 
1 333 TYR n 
1 334 LEU n 
1 335 PRO n 
1 336 THR n 
1 337 ALA n 
1 338 MET n 
1 339 LEU n 
1 340 THR n 
1 341 LYS n 
1 342 ALA n 
1 343 VAL n 
1 344 TYR n 
1 345 ALA n 
1 346 ASP n 
1 347 THR n 
1 348 GLU n 
1 349 GLY n 
1 350 PHE n 
1 351 VAL n 
1 352 SER n 
1 353 GLU n 
1 354 MET n 
1 355 ASP n 
1 356 THR n 
1 357 ARG n 
1 358 ALA n 
1 359 LEU n 
1 360 GLY n 
1 361 MET n 
1 362 ALA n 
1 363 VAL n 
1 364 VAL n 
1 365 ALA n 
1 366 MET n 
1 367 GLY n 
1 368 GLY n 
1 369 GLY n 
1 370 ARG n 
1 371 ARG n 
1 372 GLN n 
1 373 ALA n 
1 374 SER n 
1 375 ASP n 
1 376 THR n 
1 377 ILE n 
1 378 ASP n 
1 379 TYR n 
1 380 SER n 
1 381 VAL n 
1 382 GLY n 
1 383 PHE n 
1 384 THR n 
1 385 ASP n 
1 386 MET n 
1 387 ALA n 
1 388 ARG n 
1 389 LEU n 
1 390 GLY n 
1 391 ASP n 
1 392 GLN n 
1 393 VAL n 
1 394 ASP n 
1 395 GLY n 
1 396 GLN n 
1 397 ARG n 
1 398 PRO n 
1 399 LEU n 
1 400 ALA n 
1 401 VAL n 
1 402 ILE n 
1 403 HIS n 
1 404 ALA n 
1 405 LYS n 
1 406 ASP n 
1 407 GLU n 
1 408 ASN n 
1 409 ASN n 
1 410 TRP n 
1 411 GLN n 
1 412 GLU n 
1 413 ALA n 
1 414 ALA n 
1 415 LYS n 
1 416 ALA n 
1 417 VAL n 
1 418 LYS n 
1 419 ALA n 
1 420 ALA n 
1 421 ILE n 
1 422 LYS n 
1 423 LEU n 
1 424 ALA n 
1 425 ASP n 
1 426 LYS n 
1 427 ALA n 
1 428 PRO n 
1 429 GLU n 
1 430 SER n 
1 431 THR n 
1 432 PRO n 
1 433 THR n 
1 434 VAL n 
1 435 TYR n 
1 436 ARG n 
1 437 ARG n 
1 438 ILE n 
1 439 SER n 
1 440 GLU n 
# 
_entity_src_gen.entity_id                          1 
_entity_src_gen.pdbx_src_id                        1 
_entity_src_gen.pdbx_alt_source_flag               sample 
_entity_src_gen.pdbx_seq_type                      ? 
_entity_src_gen.pdbx_beg_seq_num                   ? 
_entity_src_gen.pdbx_end_seq_num                   ? 
_entity_src_gen.gene_src_common_name               ? 
_entity_src_gen.gene_src_genus                     Escherichia 
_entity_src_gen.pdbx_gene_src_gene                 ? 
_entity_src_gen.gene_src_species                   ? 
_entity_src_gen.gene_src_strain                    ? 
_entity_src_gen.gene_src_tissue                    ? 
_entity_src_gen.gene_src_tissue_fraction           ? 
_entity_src_gen.gene_src_details                   ? 
_entity_src_gen.pdbx_gene_src_fragment             ? 
_entity_src_gen.pdbx_gene_src_scientific_name      'Escherichia coli' 
_entity_src_gen.pdbx_gene_src_ncbi_taxonomy_id     562 
_entity_src_gen.pdbx_gene_src_variant              ? 
_entity_src_gen.pdbx_gene_src_cell_line            ? 
_entity_src_gen.pdbx_gene_src_atcc                 ? 
_entity_src_gen.pdbx_gene_src_organ                ? 
_entity_src_gen.pdbx_gene_src_organelle            ? 
_entity_src_gen.pdbx_gene_src_cell                 ? 
_entity_src_gen.pdbx_gene_src_cellular_location    ? 
_entity_src_gen.host_org_common_name               ? 
_entity_src_gen.pdbx_host_org_scientific_name      ? 
_entity_src_gen.pdbx_host_org_ncbi_taxonomy_id     ? 
_entity_src_gen.host_org_genus                     ? 
_entity_src_gen.pdbx_host_org_gene                 ? 
_entity_src_gen.pdbx_host_org_organ                ? 
_entity_src_gen.host_org_species                   ? 
_entity_src_gen.pdbx_host_org_tissue               ? 
_entity_src_gen.pdbx_host_org_tissue_fraction      ? 
_entity_src_gen.pdbx_host_org_strain               K12 
_entity_src_gen.pdbx_host_org_variant              ? 
_entity_src_gen.pdbx_host_org_cell_line            ? 
_entity_src_gen.pdbx_host_org_atcc                 ? 
_entity_src_gen.pdbx_host_org_culture_collection   ? 
_entity_src_gen.pdbx_host_org_cell                 ? 
_entity_src_gen.pdbx_host_org_organelle            ? 
_entity_src_gen.pdbx_host_org_cellular_location    ? 
_entity_src_gen.pdbx_host_org_vector_type          ? 
_entity_src_gen.pdbx_host_org_vector               ? 
_entity_src_gen.host_org_details                   ? 
_entity_src_gen.expression_system_id               ? 
_entity_src_gen.plasmid_name                       ? 
_entity_src_gen.plasmid_details                    ? 
_entity_src_gen.pdbx_description                   ? 
# 
loop_
_chem_comp.id 
_chem_comp.type 
_chem_comp.mon_nstd_flag 
_chem_comp.name 
_chem_comp.pdbx_synonyms 
_chem_comp.formula 
_chem_comp.formula_weight 
ALA 'L-peptide linking' y ALANINE         ? 'C3 H7 N O2'     89.093  
ARG 'L-peptide linking' y ARGININE        ? 'C6 H15 N4 O2 1' 175.209 
ASN 'L-peptide linking' y ASPARAGINE      ? 'C4 H8 N2 O3'    132.118 
ASP 'L-peptide linking' y 'ASPARTIC ACID' ? 'C4 H7 N O4'     133.103 
CYS 'L-peptide linking' y CYSTEINE        ? 'C3 H7 N O2 S'   121.158 
GLN 'L-peptide linking' y GLUTAMINE       ? 'C5 H10 N2 O3'   146.144 
GLU 'L-peptide linking' y 'GLUTAMIC ACID' ? 'C5 H9 N O4'     147.129 
GLY 'peptide linking'   y GLYCINE         ? 'C2 H5 N O2'     75.067  
HIS 'L-peptide linking' y HISTIDINE       ? 'C6 H10 N3 O2 1' 156.162 
ILE 'L-peptide linking' y ISOLEUCINE      ? 'C6 H13 N O2'    131.173 
LEU 'L-peptide linking' y LEUCINE         ? 'C6 H13 N O2'    131.173 
LYS 'L-peptide linking' y LYSINE          ? 'C6 H15 N2 O2 1' 147.195 
MET 'L-peptide linking' y METHIONINE      ? 'C5 H11 N O2 S'  149.211 
PHE 'L-peptide linking' y PHENYLALANINE   ? 'C9 H11 N O2'    165.189 
PRO 'L-peptide linking' y PROLINE         ? 'C5 H9 N O2'     115.130 
SER 'L-peptide linking' y SERINE          ? 'C3 H7 N O3'     105.093 
SO4 non-polymer         . 'SULFATE ION'   ? 'O4 S -2'        96.063  
TDR non-polymer         . THYMINE         ? 'C5 H6 N2 O2'    126.113 
THR 'L-peptide linking' y THREONINE       ? 'C4 H9 N O3'     119.119 
TRP 'L-peptide linking' y TRYPTOPHAN      ? 'C11 H12 N2 O2'  204.225 
TYR 'L-peptide linking' y TYROSINE        ? 'C9 H11 N O3'    181.189 
VAL 'L-peptide linking' y VALINE          ? 'C5 H11 N O2'    117.146 
# 
loop_
_pdbx_poly_seq_scheme.asym_id 
_pdbx_poly_seq_scheme.entity_id 
_pdbx_poly_seq_scheme.seq_id 
_pdbx_poly_seq_scheme.mon_id 
_pdbx_poly_seq_scheme.ndb_seq_num 
_pdbx_poly_seq_scheme.pdb_seq_num 
_pdbx_poly_seq_scheme.auth_seq_num 
_pdbx_poly_seq_scheme.pdb_mon_id 
_pdbx_poly_seq_scheme.auth_mon_id 
_pdbx_poly_seq_scheme.pdb_strand_id 
_pdbx_poly_seq_scheme.pdb_ins_code 
_pdbx_poly_seq_scheme.hetero 
A 1 1   LEU 1   1   1   LEU LEU A . n 
A 1 2   PHE 2   2   2   PHE PHE A . n 
A 1 3   LEU 3   3   3   LEU LEU A . n 
A 1 4   ALA 4   4   4   ALA ALA A . n 
A 1 5   GLN 5   5   5   GLN GLN A . n 
A 1 6   GLU 6   6   6   GLU GLU A . n 
A 1 7   ILE 7   7   7   ILE ILE A . n 
A 1 8   ILE 8   8   8   ILE ILE A . n 
A 1 9   ARG 9   9   9   ARG ARG A . n 
A 1 10  LYS 10  10  10  LYS LYS A . n 
A 1 11  LYS 11  11  11  LYS LYS A . n 
A 1 12  ARG 12  12  12  ARG ARG A . n 
A 1 13  ASP 13  13  13  ASP ASP A . n 
A 1 14  GLY 14  14  14  GLY GLY A . n 
A 1 15  HIS 15  15  15  HIS HIS A . n 
A 1 16  ALA 16  16  16  ALA ALA A . n 
A 1 17  LEU 17  17  17  LEU LEU A . n 
A 1 18  SER 18  18  18  SER SER A . n 
A 1 19  ASP 19  19  19  ASP ASP A . n 
A 1 20  GLU 20  20  20  GLU GLU A . n 
A 1 21  GLU 21  21  21  GLU GLU A . n 
A 1 22  ILE 22  22  22  ILE ILE A . n 
A 1 23  ARG 23  23  23  ARG ARG A . n 
A 1 24  PHE 24  24  24  PHE PHE A . n 
A 1 25  PHE 25  25  25  PHE PHE A . n 
A 1 26  ILE 26  26  26  ILE ILE A . n 
A 1 27  ASN 27  27  27  ASN ASN A . n 
A 1 28  GLY 28  28  28  GLY GLY A . n 
A 1 29  ILE 29  29  29  ILE ILE A . n 
A 1 30  ARG 30  30  30  ARG ARG A . n 
A 1 31  ASP 31  31  31  ASP ASP A . n 
A 1 32  ASN 32  32  32  ASN ASN A . n 
A 1 33  THR 33  33  33  THR THR A . n 
A 1 34  ILE 34  34  34  ILE ILE A . n 
A 1 35  SER 35  35  35  SER SER A . n 
A 1 36  GLU 36  36  36  GLU GLU A . n 
A 1 37  GLY 37  37  37  GLY GLY A . n 
A 1 38  GLN 38  38  38  GLN GLN A . n 
A 1 39  ILE 39  39  39  ILE ILE A . n 
A 1 40  ALA 40  40  40  ALA ALA A . n 
A 1 41  ALA 41  41  41  ALA ALA A . n 
A 1 42  LEU 42  42  42  LEU LEU A . n 
A 1 43  ALA 43  43  43  ALA ALA A . n 
A 1 44  MET 44  44  44  MET MET A . n 
A 1 45  THR 45  45  45  THR THR A . n 
A 1 46  ILE 46  46  46  ILE ILE A . n 
A 1 47  PHE 47  47  47  PHE PHE A . n 
A 1 48  PHE 48  48  48  PHE PHE A . n 
A 1 49  HIS 49  49  49  HIS HIS A . n 
A 1 50  ASP 50  50  50  ASP ASP A . n 
A 1 51  MET 51  51  51  MET MET A . n 
A 1 52  THR 52  52  52  THR THR A . n 
A 1 53  MET 53  53  53  MET MET A . n 
A 1 54  PRO 54  54  54  PRO PRO A . n 
A 1 55  GLU 55  55  55  GLU GLU A . n 
A 1 56  ARG 56  56  56  ARG ARG A . n 
A 1 57  VAL 57  57  57  VAL VAL A . n 
A 1 58  SER 58  58  58  SER SER A . n 
A 1 59  LEU 59  59  59  LEU LEU A . n 
A 1 60  THR 60  60  60  THR THR A . n 
A 1 61  MET 61  61  61  MET MET A . n 
A 1 62  ALA 62  62  62  ALA ALA A . n 
A 1 63  MET 63  63  63  MET MET A . n 
A 1 64  ARG 64  64  64  ARG ARG A . n 
A 1 65  ASP 65  65  65  ASP ASP A . n 
A 1 66  SER 66  66  66  SER SER A . n 
A 1 67  GLY 67  67  67  GLY GLY A . n 
A 1 68  THR 68  68  68  THR THR A . n 
A 1 69  VAL 69  69  69  VAL VAL A . n 
A 1 70  LEU 70  70  70  LEU LEU A . n 
A 1 71  ASP 71  71  71  ASP ASP A . n 
A 1 72  TRP 72  72  72  TRP TRP A . n 
A 1 73  LYS 73  73  73  LYS LYS A . n 
A 1 74  SER 74  74  74  SER SER A . n 
A 1 75  LEU 75  75  75  LEU LEU A . n 
A 1 76  HIS 76  76  76  HIS HIS A . n 
A 1 77  LEU 77  77  77  LEU LEU A . n 
A 1 78  ASN 78  78  78  ASN ASN A . n 
A 1 79  GLY 79  79  79  GLY GLY A . n 
A 1 80  PRO 80  80  80  PRO PRO A . n 
A 1 81  ILE 81  81  81  ILE ILE A . n 
A 1 82  VAL 82  82  82  VAL VAL A . n 
A 1 83  ASP 83  83  83  ASP ASP A . n 
A 1 84  LYS 84  84  84  LYS LYS A . n 
A 1 85  HIS 85  85  85  HIS HIS A . n 
A 1 86  SER 86  86  86  SER SER A . n 
A 1 87  THR 87  87  87  THR THR A . n 
A 1 88  GLY 88  88  88  GLY GLY A . n 
A 1 89  GLY 89  89  89  GLY GLY A . n 
A 1 90  VAL 90  90  90  VAL VAL A . n 
A 1 91  GLY 91  91  91  GLY GLY A . n 
A 1 92  ASP 92  92  92  ASP ASP A . n 
A 1 93  VAL 93  93  93  VAL VAL A . n 
A 1 94  THR 94  94  94  THR THR A . n 
A 1 95  SER 95  95  95  SER SER A . n 
A 1 96  LEU 96  96  96  LEU LEU A . n 
A 1 97  MET 97  97  97  MET MET A . n 
A 1 98  LEU 98  98  98  LEU LEU A . n 
A 1 99  GLY 99  99  99  GLY GLY A . n 
A 1 100 PRO 100 100 100 PRO PRO A . n 
A 1 101 MET 101 101 101 MET MET A . n 
A 1 102 VAL 102 102 102 VAL VAL A . n 
A 1 103 ALA 103 103 103 ALA ALA A . n 
A 1 104 ALA 104 104 104 ALA ALA A . n 
A 1 105 CYS 105 105 105 CYS CYS A . n 
A 1 106 GLY 106 106 106 GLY GLY A . n 
A 1 107 GLY 107 107 107 GLY GLY A . n 
A 1 108 TYR 108 108 108 TYR TYR A . n 
A 1 109 ILE 109 109 109 ILE ILE A . n 
A 1 110 PRO 110 110 110 PRO PRO A . n 
A 1 111 MET 111 111 111 MET MET A . n 
A 1 112 ILE 112 112 112 ILE ILE A . n 
A 1 113 SER 113 113 113 SER SER A . n 
A 1 114 GLY 114 114 114 GLY GLY A . n 
A 1 115 ARG 115 115 115 ARG ARG A . n 
A 1 116 GLY 116 116 116 GLY GLY A . n 
A 1 117 LEU 117 117 117 LEU LEU A . n 
A 1 118 GLY 118 118 118 GLY GLY A . n 
A 1 119 HIS 119 119 119 HIS HIS A . n 
A 1 120 THR 120 120 120 THR THR A . n 
A 1 121 GLY 121 121 121 GLY GLY A . n 
A 1 122 GLY 122 122 122 GLY GLY A . n 
A 1 123 THR 123 123 123 THR THR A . n 
A 1 124 LEU 124 124 124 LEU LEU A . n 
A 1 125 ASP 125 125 125 ASP ASP A . n 
A 1 126 LYS 126 126 126 LYS LYS A . n 
A 1 127 LEU 127 127 127 LEU LEU A . n 
A 1 128 GLU 128 128 128 GLU GLU A . n 
A 1 129 SER 129 129 129 SER SER A . n 
A 1 130 ILE 130 130 130 ILE ILE A . n 
A 1 131 PRO 131 131 131 PRO PRO A . n 
A 1 132 GLY 132 132 132 GLY GLY A . n 
A 1 133 PHE 133 133 133 PHE PHE A . n 
A 1 134 ASP 134 134 134 ASP ASP A . n 
A 1 135 ILE 135 135 135 ILE ILE A . n 
A 1 136 PHE 136 136 136 PHE PHE A . n 
A 1 137 PRO 137 137 137 PRO PRO A . n 
A 1 138 ASP 138 138 138 ASP ASP A . n 
A 1 139 ASP 139 139 139 ASP ASP A . n 
A 1 140 ASN 140 140 140 ASN ASN A . n 
A 1 141 ARG 141 141 141 ARG ARG A . n 
A 1 142 PHE 142 142 142 PHE PHE A . n 
A 1 143 ARG 143 143 143 ARG ARG A . n 
A 1 144 GLU 144 144 144 GLU GLU A . n 
A 1 145 ILE 145 145 145 ILE ILE A . n 
A 1 146 ILE 146 146 146 ILE ILE A . n 
A 1 147 LYS 147 147 147 LYS LYS A . n 
A 1 148 ASP 148 148 148 ASP ASP A . n 
A 1 149 VAL 149 149 149 VAL VAL A . n 
A 1 150 GLY 150 150 150 GLY GLY A . n 
A 1 151 VAL 151 151 151 VAL VAL A . n 
A 1 152 ALA 152 152 152 ALA ALA A . n 
A 1 153 ILE 153 153 153 ILE ILE A . n 
A 1 154 ILE 154 154 154 ILE ILE A . n 
A 1 155 GLY 155 155 155 GLY GLY A . n 
A 1 156 GLN 156 156 156 GLN GLN A . n 
A 1 157 THR 157 157 157 THR THR A . n 
A 1 158 SER 158 158 158 SER SER A . n 
A 1 159 SER 159 159 159 SER SER A . n 
A 1 160 LEU 160 160 160 LEU LEU A . n 
A 1 161 ALA 161 161 161 ALA ALA A . n 
A 1 162 PRO 162 162 162 PRO PRO A . n 
A 1 163 ALA 163 163 163 ALA ALA A . n 
A 1 164 ASP 164 164 164 ASP ASP A . n 
A 1 165 LYS 165 165 165 LYS LYS A . n 
A 1 166 ARG 166 166 166 ARG ARG A . n 
A 1 167 PHE 167 167 167 PHE PHE A . n 
A 1 168 TYR 168 168 168 TYR TYR A . n 
A 1 169 ALA 169 169 169 ALA ALA A . n 
A 1 170 THR 170 170 170 THR THR A . n 
A 1 171 ARG 171 171 171 ARG ARG A . n 
A 1 172 ASP 172 172 172 ASP ASP A . n 
A 1 173 ILE 173 173 173 ILE ILE A . n 
A 1 174 THR 174 174 174 THR THR A . n 
A 1 175 ALA 175 175 175 ALA ALA A . n 
A 1 176 THR 176 176 176 THR THR A . n 
A 1 177 VAL 177 177 177 VAL VAL A . n 
A 1 178 ASP 178 178 178 ASP ASP A . n 
A 1 179 SER 179 179 179 SER SER A . n 
A 1 180 ILE 180 180 180 ILE ILE A . n 
A 1 181 PRO 181 181 181 PRO PRO A . n 
A 1 182 LEU 182 182 182 LEU LEU A . n 
A 1 183 ILE 183 183 183 ILE ILE A . n 
A 1 184 THR 184 184 184 THR THR A . n 
A 1 185 ALA 185 185 185 ALA ALA A . n 
A 1 186 SER 186 186 186 SER SER A . n 
A 1 187 ILE 187 187 187 ILE ILE A . n 
A 1 188 LEU 188 188 188 LEU LEU A . n 
A 1 189 ALA 189 189 189 ALA ALA A . n 
A 1 190 LYS 190 190 190 LYS LYS A . n 
A 1 191 LYS 191 191 191 LYS LYS A . n 
A 1 192 LEU 192 192 192 LEU LEU A . n 
A 1 193 ALA 193 193 193 ALA ALA A . n 
A 1 194 GLU 194 194 194 GLU GLU A . n 
A 1 195 GLY 195 195 195 GLY GLY A . n 
A 1 196 LEU 196 196 196 LEU LEU A . n 
A 1 197 ASP 197 197 197 ASP ASP A . n 
A 1 198 ALA 198 198 198 ALA ALA A . n 
A 1 199 LEU 199 199 199 LEU LEU A . n 
A 1 200 VAL 200 200 200 VAL VAL A . n 
A 1 201 MET 201 201 201 MET MET A . n 
A 1 202 ASP 202 202 202 ASP ASP A . n 
A 1 203 VAL 203 203 203 VAL VAL A . n 
A 1 204 LYS 204 204 204 LYS LYS A . n 
A 1 205 VAL 205 205 205 VAL VAL A . n 
A 1 206 GLY 206 206 206 GLY GLY A . n 
A 1 207 SER 207 207 207 SER SER A . n 
A 1 208 GLY 208 208 208 GLY GLY A . n 
A 1 209 ALA 209 209 209 ALA ALA A . n 
A 1 210 PHE 210 210 210 PHE PHE A . n 
A 1 211 MET 211 211 211 MET MET A . n 
A 1 212 PRO 212 212 212 PRO PRO A . n 
A 1 213 THR 213 213 213 THR THR A . n 
A 1 214 TYR 214 214 214 TYR TYR A . n 
A 1 215 GLU 215 215 215 GLU GLU A . n 
A 1 216 LEU 216 216 216 LEU LEU A . n 
A 1 217 SER 217 217 217 SER SER A . n 
A 1 218 GLU 218 218 218 GLU GLU A . n 
A 1 219 ALA 219 219 219 ALA ALA A . n 
A 1 220 LEU 220 220 220 LEU LEU A . n 
A 1 221 ALA 221 221 221 ALA ALA A . n 
A 1 222 GLU 222 222 222 GLU GLU A . n 
A 1 223 ALA 223 223 223 ALA ALA A . n 
A 1 224 ILE 224 224 224 ILE ILE A . n 
A 1 225 VAL 225 225 225 VAL VAL A . n 
A 1 226 GLY 226 226 226 GLY GLY A . n 
A 1 227 VAL 227 227 227 VAL VAL A . n 
A 1 228 ALA 228 228 228 ALA ALA A . n 
A 1 229 ASN 229 229 229 ASN ASN A . n 
A 1 230 GLY 230 230 230 GLY GLY A . n 
A 1 231 ALA 231 231 231 ALA ALA A . n 
A 1 232 GLY 232 232 232 GLY GLY A . n 
A 1 233 VAL 233 233 233 VAL VAL A . n 
A 1 234 ARG 234 234 234 ARG ARG A . n 
A 1 235 THR 235 235 235 THR THR A . n 
A 1 236 THR 236 236 236 THR THR A . n 
A 1 237 ALA 237 237 237 ALA ALA A . n 
A 1 238 LEU 238 238 238 LEU LEU A . n 
A 1 239 LEU 239 239 239 LEU LEU A . n 
A 1 240 THR 240 240 240 THR THR A . n 
A 1 241 ASP 241 241 241 ASP ASP A . n 
A 1 242 MET 242 242 242 MET MET A . n 
A 1 243 ASN 243 243 243 ASN ASN A . n 
A 1 244 GLN 244 244 244 GLN GLN A . n 
A 1 245 VAL 245 245 245 VAL VAL A . n 
A 1 246 LEU 246 246 246 LEU LEU A . n 
A 1 247 ALA 247 247 247 ALA ALA A . n 
A 1 248 SER 248 248 248 SER SER A . n 
A 1 249 SER 249 249 249 SER SER A . n 
A 1 250 ALA 250 250 250 ALA ALA A . n 
A 1 251 GLY 251 251 251 GLY GLY A . n 
A 1 252 ASN 252 252 252 ASN ASN A . n 
A 1 253 ALA 253 253 253 ALA ALA A . n 
A 1 254 VAL 254 254 254 VAL VAL A . n 
A 1 255 GLU 255 255 255 GLU GLU A . n 
A 1 256 VAL 256 256 256 VAL VAL A . n 
A 1 257 ARG 257 257 257 ARG ARG A . n 
A 1 258 GLU 258 258 258 GLU GLU A . n 
A 1 259 ALA 259 259 259 ALA ALA A . n 
A 1 260 VAL 260 260 260 VAL VAL A . n 
A 1 261 GLN 261 261 261 GLN GLN A . n 
A 1 262 PHE 262 262 262 PHE PHE A . n 
A 1 263 LEU 263 263 263 LEU LEU A . n 
A 1 264 THR 264 264 264 THR THR A . n 
A 1 265 GLY 265 265 265 GLY GLY A . n 
A 1 266 GLU 266 266 266 GLU GLU A . n 
A 1 267 TYR 267 267 267 TYR TYR A . n 
A 1 268 ARG 268 268 268 ARG ARG A . n 
A 1 269 ASN 269 269 269 ASN ASN A . n 
A 1 270 PRO 270 270 270 PRO PRO A . n 
A 1 271 ARG 271 271 271 ARG ARG A . n 
A 1 272 LEU 272 272 272 LEU LEU A . n 
A 1 273 PHE 273 273 273 PHE PHE A . n 
A 1 274 ASP 274 274 274 ASP ASP A . n 
A 1 275 VAL 275 275 275 VAL VAL A . n 
A 1 276 THR 276 276 276 THR THR A . n 
A 1 277 MET 277 277 277 MET MET A . n 
A 1 278 ALA 278 278 278 ALA ALA A . n 
A 1 279 LEU 279 279 279 LEU LEU A . n 
A 1 280 CYS 280 280 280 CYS CYS A . n 
A 1 281 VAL 281 281 281 VAL VAL A . n 
A 1 282 GLU 282 282 282 GLU GLU A . n 
A 1 283 MET 283 283 283 MET MET A . n 
A 1 284 LEU 284 284 284 LEU LEU A . n 
A 1 285 ILE 285 285 285 ILE ILE A . n 
A 1 286 SER 286 286 286 SER SER A . n 
A 1 287 GLY 287 287 287 GLY GLY A . n 
A 1 288 LYS 288 288 288 LYS LYS A . n 
A 1 289 LEU 289 289 289 LEU LEU A . n 
A 1 290 ALA 290 290 290 ALA ALA A . n 
A 1 291 LYS 291 291 291 LYS LYS A . n 
A 1 292 ASP 292 292 292 ASP ASP A . n 
A 1 293 ASP 293 293 293 ASP ASP A . n 
A 1 294 ALA 294 294 294 ALA ALA A . n 
A 1 295 GLU 295 295 295 GLU GLU A . n 
A 1 296 ALA 296 296 296 ALA ALA A . n 
A 1 297 ARG 297 297 297 ARG ARG A . n 
A 1 298 ALA 298 298 298 ALA ALA A . n 
A 1 299 LYS 299 299 299 LYS LYS A . n 
A 1 300 LEU 300 300 300 LEU LEU A . n 
A 1 301 GLN 301 301 301 GLN GLN A . n 
A 1 302 ALA 302 302 302 ALA ALA A . n 
A 1 303 VAL 303 303 303 VAL VAL A . n 
A 1 304 LEU 304 304 304 LEU LEU A . n 
A 1 305 ASP 305 305 305 ASP ASP A . n 
A 1 306 ASN 306 306 306 ASN ASN A . n 
A 1 307 GLY 307 307 307 GLY GLY A . n 
A 1 308 LYS 308 308 308 LYS LYS A . n 
A 1 309 ALA 309 309 309 ALA ALA A . n 
A 1 310 ALA 310 310 310 ALA ALA A . n 
A 1 311 GLU 311 311 311 GLU GLU A . n 
A 1 312 VAL 312 312 312 VAL VAL A . n 
A 1 313 PHE 313 313 313 PHE PHE A . n 
A 1 314 GLY 314 314 314 GLY GLY A . n 
A 1 315 ARG 315 315 315 ARG ARG A . n 
A 1 316 MET 316 316 316 MET MET A . n 
A 1 317 VAL 317 317 317 VAL VAL A . n 
A 1 318 ALA 318 318 318 ALA ALA A . n 
A 1 319 ALA 319 319 319 ALA ALA A . n 
A 1 320 GLN 320 320 320 GLN GLN A . n 
A 1 321 LYS 321 321 321 LYS LYS A . n 
A 1 322 GLY 322 322 322 GLY GLY A . n 
A 1 323 PRO 323 323 323 PRO PRO A . n 
A 1 324 THR 324 324 324 THR THR A . n 
A 1 325 ASP 325 325 325 ASP ASP A . n 
A 1 326 PHE 326 326 326 PHE PHE A . n 
A 1 327 VAL 327 327 327 VAL VAL A . n 
A 1 328 GLU 328 328 328 GLU GLU A . n 
A 1 329 ASN 329 329 329 ASN ASN A . n 
A 1 330 TYR 330 330 330 TYR TYR A . n 
A 1 331 ALA 331 331 331 ALA ALA A . n 
A 1 332 LYS 332 332 332 LYS LYS A . n 
A 1 333 TYR 333 333 333 TYR TYR A . n 
A 1 334 LEU 334 334 334 LEU LEU A . n 
A 1 335 PRO 335 335 335 PRO PRO A . n 
A 1 336 THR 336 336 336 THR THR A . n 
A 1 337 ALA 337 337 337 ALA ALA A . n 
A 1 338 MET 338 338 338 MET MET A . n 
A 1 339 LEU 339 339 339 LEU LEU A . n 
A 1 340 THR 340 340 340 THR THR A . n 
A 1 341 LYS 341 341 341 LYS LYS A . n 
A 1 342 ALA 342 342 342 ALA ALA A . n 
A 1 343 VAL 343 343 343 VAL VAL A . n 
A 1 344 TYR 344 344 344 TYR TYR A . n 
A 1 345 ALA 345 345 345 ALA ALA A . n 
A 1 346 ASP 346 346 346 ASP ASP A . n 
A 1 347 THR 347 347 347 THR THR A . n 
A 1 348 GLU 348 348 348 GLU GLU A . n 
A 1 349 GLY 349 349 349 GLY GLY A . n 
A 1 350 PHE 350 350 350 PHE PHE A . n 
A 1 351 VAL 351 351 351 VAL VAL A . n 
A 1 352 SER 352 352 352 SER SER A . n 
A 1 353 GLU 353 353 353 GLU GLU A . n 
A 1 354 MET 354 354 354 MET MET A . n 
A 1 355 ASP 355 355 355 ASP ASP A . n 
A 1 356 THR 356 356 356 THR THR A . n 
A 1 357 ARG 357 357 357 ARG ARG A . n 
A 1 358 ALA 358 358 358 ALA ALA A . n 
A 1 359 LEU 359 359 359 LEU LEU A . n 
A 1 360 GLY 360 360 360 GLY GLY A . n 
A 1 361 MET 361 361 361 MET MET A . n 
A 1 362 ALA 362 362 362 ALA ALA A . n 
A 1 363 VAL 363 363 363 VAL VAL A . n 
A 1 364 VAL 364 364 364 VAL VAL A . n 
A 1 365 ALA 365 365 365 ALA ALA A . n 
A 1 366 MET 366 366 366 MET MET A . n 
A 1 367 GLY 367 367 367 GLY GLY A . n 
A 1 368 GLY 368 368 368 GLY GLY A . n 
A 1 369 GLY 369 369 369 GLY GLY A . n 
A 1 370 ARG 370 370 370 ARG ARG A . n 
A 1 371 ARG 371 371 371 ARG ARG A . n 
A 1 372 GLN 372 372 372 GLN GLN A . n 
A 1 373 ALA 373 373 373 ALA ALA A . n 
A 1 374 SER 374 374 374 SER SER A . n 
A 1 375 ASP 375 375 375 ASP ASP A . n 
A 1 376 THR 376 376 376 THR THR A . n 
A 1 377 ILE 377 377 377 ILE ILE A . n 
A 1 378 ASP 378 378 378 ASP ASP A . n 
A 1 379 TYR 379 379 379 TYR TYR A . n 
A 1 380 SER 380 380 380 SER SER A . n 
A 1 381 VAL 381 381 381 VAL VAL A . n 
A 1 382 GLY 382 382 382 GLY GLY A . n 
A 1 383 PHE 383 383 383 PHE PHE A . n 
A 1 384 THR 384 384 384 THR THR A . n 
A 1 385 ASP 385 385 385 ASP ASP A . n 
A 1 386 MET 386 386 386 MET MET A . n 
A 1 387 ALA 387 387 387 ALA ALA A . n 
A 1 388 ARG 388 388 388 ARG ARG A . n 
A 1 389 LEU 389 389 389 LEU LEU A . n 
A 1 390 GLY 390 390 390 GLY GLY A . n 
A 1 391 ASP 391 391 391 ASP ASP A . n 
A 1 392 GLN 392 392 392 GLN GLN A . n 
A 1 393 VAL 393 393 393 VAL VAL A . n 
A 1 394 ASP 394 394 394 ASP ASP A . n 
A 1 395 GLY 395 395 395 GLY GLY A . n 
A 1 396 GLN 396 396 396 GLN GLN A . n 
A 1 397 ARG 397 397 397 ARG ARG A . n 
A 1 398 PRO 398 398 398 PRO PRO A . n 
A 1 399 LEU 399 399 399 LEU LEU A . n 
A 1 400 ALA 400 400 400 ALA ALA A . n 
A 1 401 VAL 401 401 401 VAL VAL A . n 
A 1 402 ILE 402 402 402 ILE ILE A . n 
A 1 403 HIS 403 403 403 HIS HIS A . n 
A 1 404 ALA 404 404 404 ALA ALA A . n 
A 1 405 LYS 405 405 405 LYS LYS A . n 
A 1 406 ASP 406 406 406 ASP ASP A . n 
A 1 407 GLU 407 407 407 GLU GLU A . n 
A 1 408 ASN 408 408 408 ASN ASN A . n 
A 1 409 ASN 409 409 409 ASN ASN A . n 
A 1 410 TRP 410 410 410 TRP TRP A . n 
A 1 411 GLN 411 411 411 GLN GLN A . n 
A 1 412 GLU 412 412 412 GLU GLU A . n 
A 1 413 ALA 413 413 413 ALA ALA A . n 
A 1 414 ALA 414 414 414 ALA ALA A . n 
A 1 415 LYS 415 415 415 LYS LYS A . n 
A 1 416 ALA 416 416 416 ALA ALA A . n 
A 1 417 VAL 417 417 417 VAL VAL A . n 
A 1 418 LYS 418 418 418 LYS LYS A . n 
A 1 419 ALA 419 419 419 ALA ALA A . n 
A 1 420 ALA 420 420 420 ALA ALA A . n 
A 1 421 ILE 421 421 421 ILE ILE A . n 
A 1 422 LYS 422 422 422 LYS LYS A . n 
A 1 423 LEU 423 423 423 LEU LEU A . n 
A 1 424 ALA 424 424 424 ALA ALA A . n 
A 1 425 ASP 425 425 425 ASP ASP A . n 
A 1 426 LYS 426 426 426 LYS LYS A . n 
A 1 427 ALA 427 427 427 ALA ALA A . n 
A 1 428 PRO 428 428 428 PRO PRO A . n 
A 1 429 GLU 429 429 429 GLU GLU A . n 
A 1 430 SER 430 430 430 SER SER A . n 
A 1 431 THR 431 431 431 THR THR A . n 
A 1 432 PRO 432 432 432 PRO PRO A . n 
A 1 433 THR 433 433 433 THR THR A . n 
A 1 434 VAL 434 434 434 VAL VAL A . n 
A 1 435 TYR 435 435 435 TYR TYR A . n 
A 1 436 ARG 436 436 436 ARG ARG A . n 
A 1 437 ARG 437 437 437 ARG ARG A . n 
A 1 438 ILE 438 438 438 ILE ILE A . n 
A 1 439 SER 439 439 439 SER SER A . n 
A 1 440 GLU 440 440 440 GLU GLU A . n 
# 
loop_
_pdbx_nonpoly_scheme.asym_id 
_pdbx_nonpoly_scheme.entity_id 
_pdbx_nonpoly_scheme.mon_id 
_pdbx_nonpoly_scheme.ndb_seq_num 
_pdbx_nonpoly_scheme.pdb_seq_num 
_pdbx_nonpoly_scheme.auth_seq_num 
_pdbx_nonpoly_scheme.pdb_mon_id 
_pdbx_nonpoly_scheme.auth_mon_id 
_pdbx_nonpoly_scheme.pdb_strand_id 
_pdbx_nonpoly_scheme.pdb_ins_code 
B 2 SO4 1 441 441 SO4 SO4 A . 
C 3 TDR 1 442 442 TDR TDR A . 
# 
_software.name             PROLSQ 
_software.classification   refinement 
_software.version          . 
_software.citation_id      ? 
_software.pdbx_ordinal     1 
# 
_cell.entry_id           1TPT 
_cell.length_a           133.000 
_cell.length_b           133.000 
_cell.length_c           67.500 
_cell.angle_alpha        90.00 
_cell.angle_beta         90.00 
_cell.angle_gamma        90.00 
_cell.Z_PDB              8 
_cell.pdbx_unique_axis   ? 
# 
_symmetry.entry_id                         1TPT 
_symmetry.space_group_name_H-M             'P 43 21 2' 
_symmetry.pdbx_full_space_group_name_H-M   ? 
_symmetry.cell_setting                     ? 
_symmetry.Int_Tables_number                96 
# 
_exptl.entry_id          1TPT 
_exptl.method            'X-RAY DIFFRACTION' 
_exptl.crystals_number   ? 
# 
_exptl_crystal.id                    1 
_exptl_crystal.density_meas          ? 
_exptl_crystal.density_Matthews      3.16 
_exptl_crystal.density_percent_sol   61.06 
_exptl_crystal.description           ? 
# 
_diffrn.id                     1 
_diffrn.crystal_id             1 
_diffrn.ambient_temp           ? 
_diffrn.ambient_temp_details   ? 
# 
_refine.entry_id                                 1TPT 
_refine.ls_number_reflns_obs                     ? 
_refine.ls_number_reflns_all                     ? 
_refine.pdbx_ls_sigma_I                          ? 
_refine.pdbx_ls_sigma_F                          ? 
_refine.pdbx_data_cutoff_high_absF               ? 
_refine.pdbx_data_cutoff_low_absF                ? 
_refine.pdbx_data_cutoff_high_rms_absF           ? 
_refine.ls_d_res_low                             ? 
_refine.ls_d_res_high                            2.8 
_refine.ls_percent_reflns_obs                    ? 
_refine.ls_R_factor_obs                          0.2800000 
_refine.ls_R_factor_all                          ? 
_refine.ls_R_factor_R_work                       ? 
_refine.ls_R_factor_R_free                       ? 
_refine.ls_R_factor_R_free_error                 ? 
_refine.ls_R_factor_R_free_error_details         ? 
_refine.ls_percent_reflns_R_free                 ? 
_refine.ls_number_reflns_R_free                  ? 
_refine.ls_number_parameters                     ? 
_refine.ls_number_restraints                     ? 
_refine.occupancy_min                            ? 
_refine.occupancy_max                            ? 
_refine.B_iso_mean                               ? 
_refine.aniso_B[1][1]                            ? 
_refine.aniso_B[2][2]                            ? 
_refine.aniso_B[3][3]                            ? 
_refine.aniso_B[1][2]                            ? 
_refine.aniso_B[1][3]                            ? 
_refine.aniso_B[2][3]                            ? 
_refine.solvent_model_details                    ? 
_refine.solvent_model_param_ksol                 ? 
_refine.solvent_model_param_bsol                 ? 
_refine.pdbx_ls_cross_valid_method               ? 
_refine.details                                  ? 
_refine.pdbx_starting_model                      ? 
_refine.pdbx_method_to_determine_struct          ? 
_refine.pdbx_isotropic_thermal_model             ? 
_refine.pdbx_stereochemistry_target_values       ? 
_refine.pdbx_stereochem_target_val_spec_case     ? 
_refine.pdbx_R_Free_selection_details            ? 
_refine.pdbx_overall_ESU_R                       ? 
_refine.pdbx_overall_ESU_R_Free                  ? 
_refine.overall_SU_ML                            ? 
_refine.overall_SU_B                             ? 
_refine.pdbx_refine_id                           'X-RAY DIFFRACTION' 
_refine.pdbx_diffrn_id                           1 
_refine.pdbx_TLS_residual_ADP_flag               ? 
_refine.correlation_coeff_Fo_to_Fc               ? 
_refine.correlation_coeff_Fo_to_Fc_free          ? 
_refine.pdbx_solvent_vdw_probe_radii             ? 
_refine.pdbx_solvent_ion_probe_radii             ? 
_refine.pdbx_solvent_shrinkage_radii             ? 
_refine.pdbx_overall_phase_error                 ? 
_refine.overall_SU_R_Cruickshank_DPI             ? 
_refine.pdbx_overall_SU_R_free_Cruickshank_DPI   ? 
_refine.pdbx_overall_SU_R_Blow_DPI               ? 
_refine.pdbx_overall_SU_R_free_Blow_DPI          ? 
# 
_refine_hist.pdbx_refine_id                   'X-RAY DIFFRACTION' 
_refine_hist.cycle_id                         LAST 
_refine_hist.pdbx_number_atoms_protein        440 
_refine_hist.pdbx_number_atoms_nucleic_acid   0 
_refine_hist.pdbx_number_atoms_ligand         14 
_refine_hist.number_atoms_solvent             0 
_refine_hist.number_atoms_total               454 
_refine_hist.d_res_high                       2.8 
_refine_hist.d_res_low                        . 
# 
loop_
_refine_ls_restr.type 
_refine_ls_restr.dev_ideal 
_refine_ls_restr.dev_ideal_target 
_refine_ls_restr.weight 
_refine_ls_restr.number 
_refine_ls_restr.pdbx_refine_id 
_refine_ls_restr.pdbx_restraint_function 
p_bond_d    0.011 ? ? ? 'X-RAY DIFFRACTION' ? 
p_angle_deg 1.5   ? ? ? 'X-RAY DIFFRACTION' ? 
# 
_struct.entry_id                  1TPT 
_struct.title                     
'THREE-DIMENSIONAL STRUCTURE OF THYMIDINE PHOSPHORYLASE FROM ESCHERICHIA COLI AT 2.8 ANGSTROMS RESOLUTION' 
_struct.pdbx_model_details        ? 
_struct.pdbx_CASP_flag            ? 
_struct.pdbx_model_type_details   ? 
# 
_struct_keywords.entry_id        1TPT 
_struct_keywords.pdbx_keywords   'THYMIDINE PHOSPHORYLASE' 
_struct_keywords.text            'THYMIDINE PHOSPHORYLASE' 
# 
loop_
_struct_asym.id 
_struct_asym.pdbx_blank_PDB_chainid_flag 
_struct_asym.pdbx_modified 
_struct_asym.entity_id 
_struct_asym.details 
A N N 1 ? 
B N N 2 ? 
C N N 3 ? 
# 
_struct_ref.id                         1 
_struct_ref.db_name                    UNP 
_struct_ref.db_code                    TYPH_ECOLI 
_struct_ref.entity_id                  1 
_struct_ref.pdbx_db_accession          P07650 
_struct_ref.pdbx_align_begin           1 
_struct_ref.pdbx_seq_one_letter_code   
;LFLAQEIIRKKRDGHALSDEEIRFFINGIRDNTISEGQIAALAMTIFFHDMTMPERVSLTMAMRDSGTVLDWKSLHLNGP
IVDKHSTGGVGDVTSLMLGPMVAACGGYIPMISGRGLGHTGGTLDKLESIPGFDIFFPDDNRFREIIKDVGVAIIGQTSS
LAPADKRFYATRDITATVDSIPLITASILAKKLAEGLDALVMDVKVGSGAFMPTYELSEALAEAIVGVANGAGVRTTALL
TDMNQVLASSAGNAVEVREAVQFLTGEYRNPRLFDVTMALCVEMLISGKLAKDDAEARAKLQAVLDNGKAAEVFGRMVAA
QKGPTDFVENYAKYLPTAMLTKAVYADTEGFVSEMDTRALGMAVVAMGGGRRQASDTIDYSVGFTDMARLGDQVDGQRPL
AVIHAKDENNWQEAAKAVKAAIKLADKAPESTPTVYRRISE
;
_struct_ref.pdbx_db_isoform            ? 
# 
_struct_ref_seq.align_id                      1 
_struct_ref_seq.ref_id                        1 
_struct_ref_seq.pdbx_PDB_id_code              1TPT 
_struct_ref_seq.pdbx_strand_id                A 
_struct_ref_seq.seq_align_beg                 1 
_struct_ref_seq.pdbx_seq_align_beg_ins_code   ? 
_struct_ref_seq.seq_align_end                 440 
_struct_ref_seq.pdbx_seq_align_end_ins_code   ? 
_struct_ref_seq.pdbx_db_accession             P07650 
_struct_ref_seq.db_align_beg                  1 
_struct_ref_seq.pdbx_db_align_beg_ins_code    ? 
_struct_ref_seq.db_align_end                  441 
_struct_ref_seq.pdbx_db_align_end_ins_code    ? 
_struct_ref_seq.pdbx_auth_seq_align_beg       1 
_struct_ref_seq.pdbx_auth_seq_align_end       440 
# 
_struct_ref_seq_dif.align_id                     1 
_struct_ref_seq_dif.pdbx_pdb_id_code             1TPT 
_struct_ref_seq_dif.mon_id                       ? 
_struct_ref_seq_dif.pdbx_pdb_strand_id           A 
_struct_ref_seq_dif.seq_num                      ? 
_struct_ref_seq_dif.pdbx_pdb_ins_code            ? 
_struct_ref_seq_dif.pdbx_seq_db_name             UNP 
_struct_ref_seq_dif.pdbx_seq_db_accession_code   P07650 
_struct_ref_seq_dif.db_mon_id                    PHE 
_struct_ref_seq_dif.pdbx_seq_db_seq_num          136 
_struct_ref_seq_dif.details                      deletion 
_struct_ref_seq_dif.pdbx_auth_seq_num            ? 
_struct_ref_seq_dif.pdbx_ordinal                 1 
# 
_pdbx_struct_assembly.id                   1 
_pdbx_struct_assembly.details              author_defined_assembly 
_pdbx_struct_assembly.method_details       ? 
_pdbx_struct_assembly.oligomeric_details   dimeric 
_pdbx_struct_assembly.oligomeric_count     2 
# 
_pdbx_struct_assembly_gen.assembly_id       1 
_pdbx_struct_assembly_gen.oper_expression   1,2 
_pdbx_struct_assembly_gen.asym_id_list      A,B,C 
# 
loop_
_pdbx_struct_oper_list.id 
_pdbx_struct_oper_list.type 
_pdbx_struct_oper_list.name 
_pdbx_struct_oper_list.symmetry_operation 
_pdbx_struct_oper_list.matrix[1][1] 
_pdbx_struct_oper_list.matrix[1][2] 
_pdbx_struct_oper_list.matrix[1][3] 
_pdbx_struct_oper_list.vector[1] 
_pdbx_struct_oper_list.matrix[2][1] 
_pdbx_struct_oper_list.matrix[2][2] 
_pdbx_struct_oper_list.matrix[2][3] 
_pdbx_struct_oper_list.vector[2] 
_pdbx_struct_oper_list.matrix[3][1] 
_pdbx_struct_oper_list.matrix[3][2] 
_pdbx_struct_oper_list.matrix[3][3] 
_pdbx_struct_oper_list.vector[3] 
1 'identity operation'         1_555 x,y,z  1.0000000000  0.0000000000 0.0000000000 0.0000000000   0.0000000000 1.0000000000  0.0000000000 0.0000000000   0.0000000000 0.0000000000 1.0000000000 0.0000000000  
2 'crystal symmetry operation' 7_555 y,x,-z -0.4185529879 0.3353329574 0.8440173008 -16.4352019036 0.3353329574 -0.8066062943 0.4867628721 -46.8999738542 0.8440173008 0.4867628721 0.2251592822 29.9559096155 
# 
_struct_biol.id   1 
# 
loop_
_struct_conf.conf_type_id 
_struct_conf.id 
_struct_conf.pdbx_PDB_helix_id 
_struct_conf.beg_label_comp_id 
_struct_conf.beg_label_asym_id 
_struct_conf.beg_label_seq_id 
_struct_conf.pdbx_beg_PDB_ins_code 
_struct_conf.end_label_comp_id 
_struct_conf.end_label_asym_id 
_struct_conf.end_label_seq_id 
_struct_conf.pdbx_end_PDB_ins_code 
_struct_conf.beg_auth_comp_id 
_struct_conf.beg_auth_asym_id 
_struct_conf.beg_auth_seq_id 
_struct_conf.end_auth_comp_id 
_struct_conf.end_auth_asym_id 
_struct_conf.end_auth_seq_id 
_struct_conf.pdbx_PDB_helix_class 
_struct_conf.details 
_struct_conf.pdbx_PDB_helix_length 
HELX_P HELX_P1  H1  ALA A 4   ? ARG A 12  ? ALA A 4   ARG A 12  1 ? 9  
HELX_P HELX_P2  H2  SER A 18  ? ASN A 32  ? SER A 18  ASN A 32  1 ? 15 
HELX_P HELX_P3  H3  SER A 35  ? HIS A 49  ? SER A 35  HIS A 49  1 ? 15 
HELX_P HELX_P4  H4  THR A 52  ? ASP A 65  ? THR A 52  ASP A 65  1 ? 14 
HELX_P HELX_P5  H5  THR A 94  ? CYS A 105 ? THR A 94  CYS A 105 1 ? 12 
HELX_P HELX_P6  H6  GLY A 122 ? ILE A 130 ? GLY A 122 ILE A 130 1 ? 9  
HELX_P HELX_P7  H7  ASP A 138 ? VAL A 149 ? ASP A 138 VAL A 149 1 ? 12 
HELX_P HELX_P8  H8  ALA A 163 ? THR A 174 ? ALA A 163 THR A 174 1 ? 12 
HELX_P HELX_P9  H9  SER A 179 ? ALA A 193 ? SER A 179 ALA A 193 1 ? 15 
HELX_P HELX_P10 H10 THR A 213 ? ASN A 229 ? THR A 213 ASN A 229 1 ? 17 
HELX_P HELX_P11 H11 ASN A 252 ? GLY A 265 ? ASN A 252 GLY A 265 1 ? 14 
HELX_P HELX_P12 H12 PRO A 270 ? GLY A 287 ? PRO A 270 GLY A 287 1 ? 18 
HELX_P HELX_P13 H13 ASP A 292 ? ASN A 306 ? ASP A 292 ASN A 306 1 ? 15 
HELX_P HELX_P14 H14 LYS A 308 ? GLN A 320 ? LYS A 308 GLN A 320 1 ? 13 
HELX_P HELX_P15 H15 TYR A 330 ? LEU A 334 ? TYR A 330 LEU A 334 1 ? 5  
HELX_P HELX_P16 H16 SER A 352 ? GLY A 367 ? SER A 352 GLY A 367 1 ? 16 
HELX_P HELX_P17 H17 GLU A 407 ? ILE A 421 ? GLU A 407 ILE A 421 1 ? 15 
# 
_struct_conf_type.id          HELX_P 
_struct_conf_type.criteria    ? 
_struct_conf_type.reference   ? 
# 
loop_
_struct_sheet.id 
_struct_sheet.type 
_struct_sheet.number_strands 
_struct_sheet.details 
A ? 6 ? 
B ? 4 ? 
# 
loop_
_struct_sheet_order.sheet_id 
_struct_sheet_order.range_id_1 
_struct_sheet_order.range_id_2 
_struct_sheet_order.offset 
_struct_sheet_order.sense 
A 1 2 ? parallel      
A 2 3 ? parallel      
A 3 4 ? parallel      
A 4 5 ? parallel      
A 5 6 ? anti-parallel 
B 1 2 ? anti-parallel 
B 2 3 ? anti-parallel 
B 3 4 ? anti-parallel 
# 
loop_
_struct_sheet_range.sheet_id 
_struct_sheet_range.id 
_struct_sheet_range.beg_label_comp_id 
_struct_sheet_range.beg_label_asym_id 
_struct_sheet_range.beg_label_seq_id 
_struct_sheet_range.pdbx_beg_PDB_ins_code 
_struct_sheet_range.end_label_comp_id 
_struct_sheet_range.end_label_asym_id 
_struct_sheet_range.end_label_seq_id 
_struct_sheet_range.pdbx_end_PDB_ins_code 
_struct_sheet_range.beg_auth_comp_id 
_struct_sheet_range.beg_auth_asym_id 
_struct_sheet_range.beg_auth_seq_id 
_struct_sheet_range.end_auth_comp_id 
_struct_sheet_range.end_auth_asym_id 
_struct_sheet_range.end_auth_seq_id 
A 1 GLY A 150 ? ILE A 154 ? GLY A 150 ILE A 154 
A 2 TYR A 108 ? SER A 113 ? TYR A 108 SER A 113 
A 3 PRO A 80  ? THR A 87  ? PRO A 80  THR A 87  
A 4 ASP A 197 ? VAL A 205 ? ASP A 197 VAL A 205 
A 5 ARG A 234 ? ASP A 241 ? ARG A 234 ASP A 241 
A 6 THR A 433 ? ILE A 438 ? THR A 433 ILE A 438 
B 1 SER A 248 ? ALA A 250 ? SER A 248 ALA A 250 
B 2 GLY A 382 ? ALA A 387 ? GLY A 382 ALA A 387 
B 3 LEU A 399 ? ALA A 404 ? LEU A 399 ALA A 404 
B 4 LEU A 339 ? VAL A 343 ? LEU A 339 VAL A 343 
# 
loop_
_struct_site.id 
_struct_site.pdbx_evidence_code 
_struct_site.pdbx_auth_asym_id 
_struct_site.pdbx_auth_comp_id 
_struct_site.pdbx_auth_seq_id 
_struct_site.pdbx_auth_ins_code 
_struct_site.pdbx_num_residues 
_struct_site.details 
SO4 Author ? ? ? ? 6 'SULFATE BINDING SITE' 
TDR Author ? ? ? ? 3 'THYMINE BINDING SITE' 
# 
loop_
_struct_site_gen.id 
_struct_site_gen.site_id 
_struct_site_gen.pdbx_num_res 
_struct_site_gen.label_comp_id 
_struct_site_gen.label_asym_id 
_struct_site_gen.label_seq_id 
_struct_site_gen.pdbx_auth_ins_code 
_struct_site_gen.auth_comp_id 
_struct_site_gen.auth_asym_id 
_struct_site_gen.auth_seq_id 
_struct_site_gen.label_atom_id 
_struct_site_gen.label_alt_id 
_struct_site_gen.symmetry 
_struct_site_gen.details 
1 SO4 6 LYS A 84  ? LYS A 84  . ? 1_555 ? 
2 SO4 6 HIS A 85  ? HIS A 85  . ? 1_555 ? 
3 SO4 6 SER A 86  ? SER A 86  . ? 1_555 ? 
4 SO4 6 SER A 95  ? SER A 95  . ? 1_555 ? 
5 SO4 6 SER A 113 ? SER A 113 . ? 1_555 ? 
6 SO4 6 THR A 123 ? THR A 123 . ? 1_555 ? 
7 TDR 3 ARG A 171 ? ARG A 171 . ? 1_555 ? 
8 TDR 3 SER A 186 ? SER A 186 . ? 1_555 ? 
9 TDR 3 LYS A 190 ? LYS A 190 . ? 1_555 ? 
# 
loop_
_chem_comp_atom.comp_id 
_chem_comp_atom.atom_id 
_chem_comp_atom.type_symbol 
_chem_comp_atom.pdbx_aromatic_flag 
_chem_comp_atom.pdbx_stereo_config 
_chem_comp_atom.pdbx_ordinal 
ALA N    N N N 1   
ALA CA   C N S 2   
ALA C    C N N 3   
ALA O    O N N 4   
ALA CB   C N N 5   
ALA OXT  O N N 6   
ALA H    H N N 7   
ALA H2   H N N 8   
ALA HA   H N N 9   
ALA HB1  H N N 10  
ALA HB2  H N N 11  
ALA HB3  H N N 12  
ALA HXT  H N N 13  
ARG N    N N N 14  
ARG CA   C N S 15  
ARG C    C N N 16  
ARG O    O N N 17  
ARG CB   C N N 18  
ARG CG   C N N 19  
ARG CD   C N N 20  
ARG NE   N N N 21  
ARG CZ   C N N 22  
ARG NH1  N N N 23  
ARG NH2  N N N 24  
ARG OXT  O N N 25  
ARG H    H N N 26  
ARG H2   H N N 27  
ARG HA   H N N 28  
ARG HB2  H N N 29  
ARG HB3  H N N 30  
ARG HG2  H N N 31  
ARG HG3  H N N 32  
ARG HD2  H N N 33  
ARG HD3  H N N 34  
ARG HE   H N N 35  
ARG HH11 H N N 36  
ARG HH12 H N N 37  
ARG HH21 H N N 38  
ARG HH22 H N N 39  
ARG HXT  H N N 40  
ASN N    N N N 41  
ASN CA   C N S 42  
ASN C    C N N 43  
ASN O    O N N 44  
ASN CB   C N N 45  
ASN CG   C N N 46  
ASN OD1  O N N 47  
ASN ND2  N N N 48  
ASN OXT  O N N 49  
ASN H    H N N 50  
ASN H2   H N N 51  
ASN HA   H N N 52  
ASN HB2  H N N 53  
ASN HB3  H N N 54  
ASN HD21 H N N 55  
ASN HD22 H N N 56  
ASN HXT  H N N 57  
ASP N    N N N 58  
ASP CA   C N S 59  
ASP C    C N N 60  
ASP O    O N N 61  
ASP CB   C N N 62  
ASP CG   C N N 63  
ASP OD1  O N N 64  
ASP OD2  O N N 65  
ASP OXT  O N N 66  
ASP H    H N N 67  
ASP H2   H N N 68  
ASP HA   H N N 69  
ASP HB2  H N N 70  
ASP HB3  H N N 71  
ASP HD2  H N N 72  
ASP HXT  H N N 73  
CYS N    N N N 74  
CYS CA   C N R 75  
CYS C    C N N 76  
CYS O    O N N 77  
CYS CB   C N N 78  
CYS SG   S N N 79  
CYS OXT  O N N 80  
CYS H    H N N 81  
CYS H2   H N N 82  
CYS HA   H N N 83  
CYS HB2  H N N 84  
CYS HB3  H N N 85  
CYS HG   H N N 86  
CYS HXT  H N N 87  
GLN N    N N N 88  
GLN CA   C N S 89  
GLN C    C N N 90  
GLN O    O N N 91  
GLN CB   C N N 92  
GLN CG   C N N 93  
GLN CD   C N N 94  
GLN OE1  O N N 95  
GLN NE2  N N N 96  
GLN OXT  O N N 97  
GLN H    H N N 98  
GLN H2   H N N 99  
GLN HA   H N N 100 
GLN HB2  H N N 101 
GLN HB3  H N N 102 
GLN HG2  H N N 103 
GLN HG3  H N N 104 
GLN HE21 H N N 105 
GLN HE22 H N N 106 
GLN HXT  H N N 107 
GLU N    N N N 108 
GLU CA   C N S 109 
GLU C    C N N 110 
GLU O    O N N 111 
GLU CB   C N N 112 
GLU CG   C N N 113 
GLU CD   C N N 114 
GLU OE1  O N N 115 
GLU OE2  O N N 116 
GLU OXT  O N N 117 
GLU H    H N N 118 
GLU H2   H N N 119 
GLU HA   H N N 120 
GLU HB2  H N N 121 
GLU HB3  H N N 122 
GLU HG2  H N N 123 
GLU HG3  H N N 124 
GLU HE2  H N N 125 
GLU HXT  H N N 126 
GLY N    N N N 127 
GLY CA   C N N 128 
GLY C    C N N 129 
GLY O    O N N 130 
GLY OXT  O N N 131 
GLY H    H N N 132 
GLY H2   H N N 133 
GLY HA2  H N N 134 
GLY HA3  H N N 135 
GLY HXT  H N N 136 
HIS N    N N N 137 
HIS CA   C N S 138 
HIS C    C N N 139 
HIS O    O N N 140 
HIS CB   C N N 141 
HIS CG   C Y N 142 
HIS ND1  N Y N 143 
HIS CD2  C Y N 144 
HIS CE1  C Y N 145 
HIS NE2  N Y N 146 
HIS OXT  O N N 147 
HIS H    H N N 148 
HIS H2   H N N 149 
HIS HA   H N N 150 
HIS HB2  H N N 151 
HIS HB3  H N N 152 
HIS HD1  H N N 153 
HIS HD2  H N N 154 
HIS HE1  H N N 155 
HIS HE2  H N N 156 
HIS HXT  H N N 157 
ILE N    N N N 158 
ILE CA   C N S 159 
ILE C    C N N 160 
ILE O    O N N 161 
ILE CB   C N S 162 
ILE CG1  C N N 163 
ILE CG2  C N N 164 
ILE CD1  C N N 165 
ILE OXT  O N N 166 
ILE H    H N N 167 
ILE H2   H N N 168 
ILE HA   H N N 169 
ILE HB   H N N 170 
ILE HG12 H N N 171 
ILE HG13 H N N 172 
ILE HG21 H N N 173 
ILE HG22 H N N 174 
ILE HG23 H N N 175 
ILE HD11 H N N 176 
ILE HD12 H N N 177 
ILE HD13 H N N 178 
ILE HXT  H N N 179 
LEU N    N N N 180 
LEU CA   C N S 181 
LEU C    C N N 182 
LEU O    O N N 183 
LEU CB   C N N 184 
LEU CG   C N N 185 
LEU CD1  C N N 186 
LEU CD2  C N N 187 
LEU OXT  O N N 188 
LEU H    H N N 189 
LEU H2   H N N 190 
LEU HA   H N N 191 
LEU HB2  H N N 192 
LEU HB3  H N N 193 
LEU HG   H N N 194 
LEU HD11 H N N 195 
LEU HD12 H N N 196 
LEU HD13 H N N 197 
LEU HD21 H N N 198 
LEU HD22 H N N 199 
LEU HD23 H N N 200 
LEU HXT  H N N 201 
LYS N    N N N 202 
LYS CA   C N S 203 
LYS C    C N N 204 
LYS O    O N N 205 
LYS CB   C N N 206 
LYS CG   C N N 207 
LYS CD   C N N 208 
LYS CE   C N N 209 
LYS NZ   N N N 210 
LYS OXT  O N N 211 
LYS H    H N N 212 
LYS H2   H N N 213 
LYS HA   H N N 214 
LYS HB2  H N N 215 
LYS HB3  H N N 216 
LYS HG2  H N N 217 
LYS HG3  H N N 218 
LYS HD2  H N N 219 
LYS HD3  H N N 220 
LYS HE2  H N N 221 
LYS HE3  H N N 222 
LYS HZ1  H N N 223 
LYS HZ2  H N N 224 
LYS HZ3  H N N 225 
LYS HXT  H N N 226 
MET N    N N N 227 
MET CA   C N S 228 
MET C    C N N 229 
MET O    O N N 230 
MET CB   C N N 231 
MET CG   C N N 232 
MET SD   S N N 233 
MET CE   C N N 234 
MET OXT  O N N 235 
MET H    H N N 236 
MET H2   H N N 237 
MET HA   H N N 238 
MET HB2  H N N 239 
MET HB3  H N N 240 
MET HG2  H N N 241 
MET HG3  H N N 242 
MET HE1  H N N 243 
MET HE2  H N N 244 
MET HE3  H N N 245 
MET HXT  H N N 246 
PHE N    N N N 247 
PHE CA   C N S 248 
PHE C    C N N 249 
PHE O    O N N 250 
PHE CB   C N N 251 
PHE CG   C Y N 252 
PHE CD1  C Y N 253 
PHE CD2  C Y N 254 
PHE CE1  C Y N 255 
PHE CE2  C Y N 256 
PHE CZ   C Y N 257 
PHE OXT  O N N 258 
PHE H    H N N 259 
PHE H2   H N N 260 
PHE HA   H N N 261 
PHE HB2  H N N 262 
PHE HB3  H N N 263 
PHE HD1  H N N 264 
PHE HD2  H N N 265 
PHE HE1  H N N 266 
PHE HE2  H N N 267 
PHE HZ   H N N 268 
PHE HXT  H N N 269 
PRO N    N N N 270 
PRO CA   C N S 271 
PRO C    C N N 272 
PRO O    O N N 273 
PRO CB   C N N 274 
PRO CG   C N N 275 
PRO CD   C N N 276 
PRO OXT  O N N 277 
PRO H    H N N 278 
PRO HA   H N N 279 
PRO HB2  H N N 280 
PRO HB3  H N N 281 
PRO HG2  H N N 282 
PRO HG3  H N N 283 
PRO HD2  H N N 284 
PRO HD3  H N N 285 
PRO HXT  H N N 286 
SER N    N N N 287 
SER CA   C N S 288 
SER C    C N N 289 
SER O    O N N 290 
SER CB   C N N 291 
SER OG   O N N 292 
SER OXT  O N N 293 
SER H    H N N 294 
SER H2   H N N 295 
SER HA   H N N 296 
SER HB2  H N N 297 
SER HB3  H N N 298 
SER HG   H N N 299 
SER HXT  H N N 300 
SO4 S    S N N 301 
SO4 O1   O N N 302 
SO4 O2   O N N 303 
SO4 O3   O N N 304 
SO4 O4   O N N 305 
TDR N1   N N N 306 
TDR C2   C N N 307 
TDR O2   O N N 308 
TDR N3   N N N 309 
TDR C4   C N N 310 
TDR O4   O N N 311 
TDR C5   C N N 312 
TDR CM5  C N N 313 
TDR C6   C N N 314 
TDR HN1  H N N 315 
TDR HN3  H N N 316 
TDR H5M1 H N N 317 
TDR H5M2 H N N 318 
TDR H5M3 H N N 319 
TDR H6   H N N 320 
THR N    N N N 321 
THR CA   C N S 322 
THR C    C N N 323 
THR O    O N N 324 
THR CB   C N R 325 
THR OG1  O N N 326 
THR CG2  C N N 327 
THR OXT  O N N 328 
THR H    H N N 329 
THR H2   H N N 330 
THR HA   H N N 331 
THR HB   H N N 332 
THR HG1  H N N 333 
THR HG21 H N N 334 
THR HG22 H N N 335 
THR HG23 H N N 336 
THR HXT  H N N 337 
TRP N    N N N 338 
TRP CA   C N S 339 
TRP C    C N N 340 
TRP O    O N N 341 
TRP CB   C N N 342 
TRP CG   C Y N 343 
TRP CD1  C Y N 344 
TRP CD2  C Y N 345 
TRP NE1  N Y N 346 
TRP CE2  C Y N 347 
TRP CE3  C Y N 348 
TRP CZ2  C Y N 349 
TRP CZ3  C Y N 350 
TRP CH2  C Y N 351 
TRP OXT  O N N 352 
TRP H    H N N 353 
TRP H2   H N N 354 
TRP HA   H N N 355 
TRP HB2  H N N 356 
TRP HB3  H N N 357 
TRP HD1  H N N 358 
TRP HE1  H N N 359 
TRP HE3  H N N 360 
TRP HZ2  H N N 361 
TRP HZ3  H N N 362 
TRP HH2  H N N 363 
TRP HXT  H N N 364 
TYR N    N N N 365 
TYR CA   C N S 366 
TYR C    C N N 367 
TYR O    O N N 368 
TYR CB   C N N 369 
TYR CG   C Y N 370 
TYR CD1  C Y N 371 
TYR CD2  C Y N 372 
TYR CE1  C Y N 373 
TYR CE2  C Y N 374 
TYR CZ   C Y N 375 
TYR OH   O N N 376 
TYR OXT  O N N 377 
TYR H    H N N 378 
TYR H2   H N N 379 
TYR HA   H N N 380 
TYR HB2  H N N 381 
TYR HB3  H N N 382 
TYR HD1  H N N 383 
TYR HD2  H N N 384 
TYR HE1  H N N 385 
TYR HE2  H N N 386 
TYR HH   H N N 387 
TYR HXT  H N N 388 
VAL N    N N N 389 
VAL CA   C N S 390 
VAL C    C N N 391 
VAL O    O N N 392 
VAL CB   C N N 393 
VAL CG1  C N N 394 
VAL CG2  C N N 395 
VAL OXT  O N N 396 
VAL H    H N N 397 
VAL H2   H N N 398 
VAL HA   H N N 399 
VAL HB   H N N 400 
VAL HG11 H N N 401 
VAL HG12 H N N 402 
VAL HG13 H N N 403 
VAL HG21 H N N 404 
VAL HG22 H N N 405 
VAL HG23 H N N 406 
VAL HXT  H N N 407 
# 
loop_
_chem_comp_bond.comp_id 
_chem_comp_bond.atom_id_1 
_chem_comp_bond.atom_id_2 
_chem_comp_bond.value_order 
_chem_comp_bond.pdbx_aromatic_flag 
_chem_comp_bond.pdbx_stereo_config 
_chem_comp_bond.pdbx_ordinal 
ALA N   CA   sing N N 1   
ALA N   H    sing N N 2   
ALA N   H2   sing N N 3   
ALA CA  C    sing N N 4   
ALA CA  CB   sing N N 5   
ALA CA  HA   sing N N 6   
ALA C   O    doub N N 7   
ALA C   OXT  sing N N 8   
ALA CB  HB1  sing N N 9   
ALA CB  HB2  sing N N 10  
ALA CB  HB3  sing N N 11  
ALA OXT HXT  sing N N 12  
ARG N   CA   sing N N 13  
ARG N   H    sing N N 14  
ARG N   H2   sing N N 15  
ARG CA  C    sing N N 16  
ARG CA  CB   sing N N 17  
ARG CA  HA   sing N N 18  
ARG C   O    doub N N 19  
ARG C   OXT  sing N N 20  
ARG CB  CG   sing N N 21  
ARG CB  HB2  sing N N 22  
ARG CB  HB3  sing N N 23  
ARG CG  CD   sing N N 24  
ARG CG  HG2  sing N N 25  
ARG CG  HG3  sing N N 26  
ARG CD  NE   sing N N 27  
ARG CD  HD2  sing N N 28  
ARG CD  HD3  sing N N 29  
ARG NE  CZ   sing N N 30  
ARG NE  HE   sing N N 31  
ARG CZ  NH1  sing N N 32  
ARG CZ  NH2  doub N N 33  
ARG NH1 HH11 sing N N 34  
ARG NH1 HH12 sing N N 35  
ARG NH2 HH21 sing N N 36  
ARG NH2 HH22 sing N N 37  
ARG OXT HXT  sing N N 38  
ASN N   CA   sing N N 39  
ASN N   H    sing N N 40  
ASN N   H2   sing N N 41  
ASN CA  C    sing N N 42  
ASN CA  CB   sing N N 43  
ASN CA  HA   sing N N 44  
ASN C   O    doub N N 45  
ASN C   OXT  sing N N 46  
ASN CB  CG   sing N N 47  
ASN CB  HB2  sing N N 48  
ASN CB  HB3  sing N N 49  
ASN CG  OD1  doub N N 50  
ASN CG  ND2  sing N N 51  
ASN ND2 HD21 sing N N 52  
ASN ND2 HD22 sing N N 53  
ASN OXT HXT  sing N N 54  
ASP N   CA   sing N N 55  
ASP N   H    sing N N 56  
ASP N   H2   sing N N 57  
ASP CA  C    sing N N 58  
ASP CA  CB   sing N N 59  
ASP CA  HA   sing N N 60  
ASP C   O    doub N N 61  
ASP C   OXT  sing N N 62  
ASP CB  CG   sing N N 63  
ASP CB  HB2  sing N N 64  
ASP CB  HB3  sing N N 65  
ASP CG  OD1  doub N N 66  
ASP CG  OD2  sing N N 67  
ASP OD2 HD2  sing N N 68  
ASP OXT HXT  sing N N 69  
CYS N   CA   sing N N 70  
CYS N   H    sing N N 71  
CYS N   H2   sing N N 72  
CYS CA  C    sing N N 73  
CYS CA  CB   sing N N 74  
CYS CA  HA   sing N N 75  
CYS C   O    doub N N 76  
CYS C   OXT  sing N N 77  
CYS CB  SG   sing N N 78  
CYS CB  HB2  sing N N 79  
CYS CB  HB3  sing N N 80  
CYS SG  HG   sing N N 81  
CYS OXT HXT  sing N N 82  
GLN N   CA   sing N N 83  
GLN N   H    sing N N 84  
GLN N   H2   sing N N 85  
GLN CA  C    sing N N 86  
GLN CA  CB   sing N N 87  
GLN CA  HA   sing N N 88  
GLN C   O    doub N N 89  
GLN C   OXT  sing N N 90  
GLN CB  CG   sing N N 91  
GLN CB  HB2  sing N N 92  
GLN CB  HB3  sing N N 93  
GLN CG  CD   sing N N 94  
GLN CG  HG2  sing N N 95  
GLN CG  HG3  sing N N 96  
GLN CD  OE1  doub N N 97  
GLN CD  NE2  sing N N 98  
GLN NE2 HE21 sing N N 99  
GLN NE2 HE22 sing N N 100 
GLN OXT HXT  sing N N 101 
GLU N   CA   sing N N 102 
GLU N   H    sing N N 103 
GLU N   H2   sing N N 104 
GLU CA  C    sing N N 105 
GLU CA  CB   sing N N 106 
GLU CA  HA   sing N N 107 
GLU C   O    doub N N 108 
GLU C   OXT  sing N N 109 
GLU CB  CG   sing N N 110 
GLU CB  HB2  sing N N 111 
GLU CB  HB3  sing N N 112 
GLU CG  CD   sing N N 113 
GLU CG  HG2  sing N N 114 
GLU CG  HG3  sing N N 115 
GLU CD  OE1  doub N N 116 
GLU CD  OE2  sing N N 117 
GLU OE2 HE2  sing N N 118 
GLU OXT HXT  sing N N 119 
GLY N   CA   sing N N 120 
GLY N   H    sing N N 121 
GLY N   H2   sing N N 122 
GLY CA  C    sing N N 123 
GLY CA  HA2  sing N N 124 
GLY CA  HA3  sing N N 125 
GLY C   O    doub N N 126 
GLY C   OXT  sing N N 127 
GLY OXT HXT  sing N N 128 
HIS N   CA   sing N N 129 
HIS N   H    sing N N 130 
HIS N   H2   sing N N 131 
HIS CA  C    sing N N 132 
HIS CA  CB   sing N N 133 
HIS CA  HA   sing N N 134 
HIS C   O    doub N N 135 
HIS C   OXT  sing N N 136 
HIS CB  CG   sing N N 137 
HIS CB  HB2  sing N N 138 
HIS CB  HB3  sing N N 139 
HIS CG  ND1  sing Y N 140 
HIS CG  CD2  doub Y N 141 
HIS ND1 CE1  doub Y N 142 
HIS ND1 HD1  sing N N 143 
HIS CD2 NE2  sing Y N 144 
HIS CD2 HD2  sing N N 145 
HIS CE1 NE2  sing Y N 146 
HIS CE1 HE1  sing N N 147 
HIS NE2 HE2  sing N N 148 
HIS OXT HXT  sing N N 149 
ILE N   CA   sing N N 150 
ILE N   H    sing N N 151 
ILE N   H2   sing N N 152 
ILE CA  C    sing N N 153 
ILE CA  CB   sing N N 154 
ILE CA  HA   sing N N 155 
ILE C   O    doub N N 156 
ILE C   OXT  sing N N 157 
ILE CB  CG1  sing N N 158 
ILE CB  CG2  sing N N 159 
ILE CB  HB   sing N N 160 
ILE CG1 CD1  sing N N 161 
ILE CG1 HG12 sing N N 162 
ILE CG1 HG13 sing N N 163 
ILE CG2 HG21 sing N N 164 
ILE CG2 HG22 sing N N 165 
ILE CG2 HG23 sing N N 166 
ILE CD1 HD11 sing N N 167 
ILE CD1 HD12 sing N N 168 
ILE CD1 HD13 sing N N 169 
ILE OXT HXT  sing N N 170 
LEU N   CA   sing N N 171 
LEU N   H    sing N N 172 
LEU N   H2   sing N N 173 
LEU CA  C    sing N N 174 
LEU CA  CB   sing N N 175 
LEU CA  HA   sing N N 176 
LEU C   O    doub N N 177 
LEU C   OXT  sing N N 178 
LEU CB  CG   sing N N 179 
LEU CB  HB2  sing N N 180 
LEU CB  HB3  sing N N 181 
LEU CG  CD1  sing N N 182 
LEU CG  CD2  sing N N 183 
LEU CG  HG   sing N N 184 
LEU CD1 HD11 sing N N 185 
LEU CD1 HD12 sing N N 186 
LEU CD1 HD13 sing N N 187 
LEU CD2 HD21 sing N N 188 
LEU CD2 HD22 sing N N 189 
LEU CD2 HD23 sing N N 190 
LEU OXT HXT  sing N N 191 
LYS N   CA   sing N N 192 
LYS N   H    sing N N 193 
LYS N   H2   sing N N 194 
LYS CA  C    sing N N 195 
LYS CA  CB   sing N N 196 
LYS CA  HA   sing N N 197 
LYS C   O    doub N N 198 
LYS C   OXT  sing N N 199 
LYS CB  CG   sing N N 200 
LYS CB  HB2  sing N N 201 
LYS CB  HB3  sing N N 202 
LYS CG  CD   sing N N 203 
LYS CG  HG2  sing N N 204 
LYS CG  HG3  sing N N 205 
LYS CD  CE   sing N N 206 
LYS CD  HD2  sing N N 207 
LYS CD  HD3  sing N N 208 
LYS CE  NZ   sing N N 209 
LYS CE  HE2  sing N N 210 
LYS CE  HE3  sing N N 211 
LYS NZ  HZ1  sing N N 212 
LYS NZ  HZ2  sing N N 213 
LYS NZ  HZ3  sing N N 214 
LYS OXT HXT  sing N N 215 
MET N   CA   sing N N 216 
MET N   H    sing N N 217 
MET N   H2   sing N N 218 
MET CA  C    sing N N 219 
MET CA  CB   sing N N 220 
MET CA  HA   sing N N 221 
MET C   O    doub N N 222 
MET C   OXT  sing N N 223 
MET CB  CG   sing N N 224 
MET CB  HB2  sing N N 225 
MET CB  HB3  sing N N 226 
MET CG  SD   sing N N 227 
MET CG  HG2  sing N N 228 
MET CG  HG3  sing N N 229 
MET SD  CE   sing N N 230 
MET CE  HE1  sing N N 231 
MET CE  HE2  sing N N 232 
MET CE  HE3  sing N N 233 
MET OXT HXT  sing N N 234 
PHE N   CA   sing N N 235 
PHE N   H    sing N N 236 
PHE N   H2   sing N N 237 
PHE CA  C    sing N N 238 
PHE CA  CB   sing N N 239 
PHE CA  HA   sing N N 240 
PHE C   O    doub N N 241 
PHE C   OXT  sing N N 242 
PHE CB  CG   sing N N 243 
PHE CB  HB2  sing N N 244 
PHE CB  HB3  sing N N 245 
PHE CG  CD1  doub Y N 246 
PHE CG  CD2  sing Y N 247 
PHE CD1 CE1  sing Y N 248 
PHE CD1 HD1  sing N N 249 
PHE CD2 CE2  doub Y N 250 
PHE CD2 HD2  sing N N 251 
PHE CE1 CZ   doub Y N 252 
PHE CE1 HE1  sing N N 253 
PHE CE2 CZ   sing Y N 254 
PHE CE2 HE2  sing N N 255 
PHE CZ  HZ   sing N N 256 
PHE OXT HXT  sing N N 257 
PRO N   CA   sing N N 258 
PRO N   CD   sing N N 259 
PRO N   H    sing N N 260 
PRO CA  C    sing N N 261 
PRO CA  CB   sing N N 262 
PRO CA  HA   sing N N 263 
PRO C   O    doub N N 264 
PRO C   OXT  sing N N 265 
PRO CB  CG   sing N N 266 
PRO CB  HB2  sing N N 267 
PRO CB  HB3  sing N N 268 
PRO CG  CD   sing N N 269 
PRO CG  HG2  sing N N 270 
PRO CG  HG3  sing N N 271 
PRO CD  HD2  sing N N 272 
PRO CD  HD3  sing N N 273 
PRO OXT HXT  sing N N 274 
SER N   CA   sing N N 275 
SER N   H    sing N N 276 
SER N   H2   sing N N 277 
SER CA  C    sing N N 278 
SER CA  CB   sing N N 279 
SER CA  HA   sing N N 280 
SER C   O    doub N N 281 
SER C   OXT  sing N N 282 
SER CB  OG   sing N N 283 
SER CB  HB2  sing N N 284 
SER CB  HB3  sing N N 285 
SER OG  HG   sing N N 286 
SER OXT HXT  sing N N 287 
SO4 S   O1   doub N N 288 
SO4 S   O2   doub N N 289 
SO4 S   O3   sing N N 290 
SO4 S   O4   sing N N 291 
TDR N1  C2   sing N N 292 
TDR N1  C6   sing N N 293 
TDR N1  HN1  sing N N 294 
TDR C2  O2   doub N N 295 
TDR C2  N3   sing N N 296 
TDR N3  C4   sing N N 297 
TDR N3  HN3  sing N N 298 
TDR C4  O4   doub N N 299 
TDR C4  C5   sing N N 300 
TDR C5  CM5  sing N N 301 
TDR C5  C6   doub N N 302 
TDR CM5 H5M1 sing N N 303 
TDR CM5 H5M2 sing N N 304 
TDR CM5 H5M3 sing N N 305 
TDR C6  H6   sing N N 306 
THR N   CA   sing N N 307 
THR N   H    sing N N 308 
THR N   H2   sing N N 309 
THR CA  C    sing N N 310 
THR CA  CB   sing N N 311 
THR CA  HA   sing N N 312 
THR C   O    doub N N 313 
THR C   OXT  sing N N 314 
THR CB  OG1  sing N N 315 
THR CB  CG2  sing N N 316 
THR CB  HB   sing N N 317 
THR OG1 HG1  sing N N 318 
THR CG2 HG21 sing N N 319 
THR CG2 HG22 sing N N 320 
THR CG2 HG23 sing N N 321 
THR OXT HXT  sing N N 322 
TRP N   CA   sing N N 323 
TRP N   H    sing N N 324 
TRP N   H2   sing N N 325 
TRP CA  C    sing N N 326 
TRP CA  CB   sing N N 327 
TRP CA  HA   sing N N 328 
TRP C   O    doub N N 329 
TRP C   OXT  sing N N 330 
TRP CB  CG   sing N N 331 
TRP CB  HB2  sing N N 332 
TRP CB  HB3  sing N N 333 
TRP CG  CD1  doub Y N 334 
TRP CG  CD2  sing Y N 335 
TRP CD1 NE1  sing Y N 336 
TRP CD1 HD1  sing N N 337 
TRP CD2 CE2  doub Y N 338 
TRP CD2 CE3  sing Y N 339 
TRP NE1 CE2  sing Y N 340 
TRP NE1 HE1  sing N N 341 
TRP CE2 CZ2  sing Y N 342 
TRP CE3 CZ3  doub Y N 343 
TRP CE3 HE3  sing N N 344 
TRP CZ2 CH2  doub Y N 345 
TRP CZ2 HZ2  sing N N 346 
TRP CZ3 CH2  sing Y N 347 
TRP CZ3 HZ3  sing N N 348 
TRP CH2 HH2  sing N N 349 
TRP OXT HXT  sing N N 350 
TYR N   CA   sing N N 351 
TYR N   H    sing N N 352 
TYR N   H2   sing N N 353 
TYR CA  C    sing N N 354 
TYR CA  CB   sing N N 355 
TYR CA  HA   sing N N 356 
TYR C   O    doub N N 357 
TYR C   OXT  sing N N 358 
TYR CB  CG   sing N N 359 
TYR CB  HB2  sing N N 360 
TYR CB  HB3  sing N N 361 
TYR CG  CD1  doub Y N 362 
TYR CG  CD2  sing Y N 363 
TYR CD1 CE1  sing Y N 364 
TYR CD1 HD1  sing N N 365 
TYR CD2 CE2  doub Y N 366 
TYR CD2 HD2  sing N N 367 
TYR CE1 CZ   doub Y N 368 
TYR CE1 HE1  sing N N 369 
TYR CE2 CZ   sing Y N 370 
TYR CE2 HE2  sing N N 371 
TYR CZ  OH   sing N N 372 
TYR OH  HH   sing N N 373 
TYR OXT HXT  sing N N 374 
VAL N   CA   sing N N 375 
VAL N   H    sing N N 376 
VAL N   H2   sing N N 377 
VAL CA  C    sing N N 378 
VAL CA  CB   sing N N 379 
VAL CA  HA   sing N N 380 
VAL C   O    doub N N 381 
VAL C   OXT  sing N N 382 
VAL CB  CG1  sing N N 383 
VAL CB  CG2  sing N N 384 
VAL CB  HB   sing N N 385 
VAL CG1 HG11 sing N N 386 
VAL CG1 HG12 sing N N 387 
VAL CG1 HG13 sing N N 388 
VAL CG2 HG21 sing N N 389 
VAL CG2 HG22 sing N N 390 
VAL CG2 HG23 sing N N 391 
VAL OXT HXT  sing N N 392 
# 
_pdbx_coordinate_model.asym_id   A 
_pdbx_coordinate_model.type      'CA ATOMS ONLY' 
# 
_atom_sites.entry_id                    1TPT 
_atom_sites.fract_transf_matrix[1][1]   -0.00103462 
_atom_sites.fract_transf_matrix[1][2]   -0.00659490 
_atom_sites.fract_transf_matrix[1][3]   -0.00346009 
_atom_sites.fract_transf_matrix[2][1]   -0.00469882 
_atom_sites.fract_transf_matrix[2][2]   0.00328830 
_atom_sites.fract_transf_matrix[2][3]   -0.00486246 
_atom_sites.fract_transf_matrix[3][1]   0.01138476 
_atom_sites.fract_transf_matrix[3][2]   0.00294216 
_atom_sites.fract_transf_matrix[3][3]   -0.00901195 
_atom_sites.fract_transf_vector[1]      0.068267 
_atom_sites.fract_transf_vector[2]      0.290922 
_atom_sites.fract_transf_vector[3]      0.297529 
# 
loop_
_atom_type.symbol 
C 
N 
O 
S 
# 
loop_
_atom_site.group_PDB 
_atom_site.id 
_atom_site.type_symbol 
_atom_site.label_atom_id 
_atom_site.label_alt_id 
_atom_site.label_comp_id 
_atom_site.label_asym_id 
_atom_site.label_entity_id 
_atom_site.label_seq_id 
_atom_site.pdbx_PDB_ins_code 
_atom_site.Cartn_x 
_atom_site.Cartn_y 
_atom_site.Cartn_z 
_atom_site.occupancy 
_atom_site.B_iso_or_equiv 
_atom_site.pdbx_formal_charge 
_atom_site.auth_seq_id 
_atom_site.auth_comp_id 
_atom_site.auth_asym_id 
_atom_site.auth_atom_id 
_atom_site.pdbx_PDB_model_num 
ATOM   1   C CA  . LEU A 1 1   ? 7.986   -34.277 8.222   1.00 0.00 ? 1   LEU A CA  1 
ATOM   2   C CA  . PHE A 1 2   ? 4.872   -36.414 8.717   1.00 0.00 ? 2   PHE A CA  1 
ATOM   3   C CA  . LEU A 1 3   ? 1.304   -35.660 9.938   1.00 0.00 ? 3   LEU A CA  1 
ATOM   4   C CA  . ALA A 1 4   ? 0.155   -32.282 11.010  1.00 0.00 ? 4   ALA A CA  1 
ATOM   5   C CA  . GLN A 1 5   ? -1.557  -33.001 14.338  1.00 0.00 ? 5   GLN A CA  1 
ATOM   6   C CA  . GLU A 1 6   ? 1.987   -33.209 15.728  1.00 0.00 ? 6   GLU A CA  1 
ATOM   7   C CA  . ILE A 1 7   ? 3.037   -29.871 14.195  1.00 0.00 ? 7   ILE A CA  1 
ATOM   8   C CA  . ILE A 1 8   ? -0.104  -28.260 15.503  1.00 0.00 ? 8   ILE A CA  1 
ATOM   9   C CA  . ARG A 1 9   ? 0.981   -30.152 18.584  1.00 0.00 ? 9   ARG A CA  1 
ATOM   10  C CA  . LYS A 1 10  ? 4.732   -29.546 18.618  1.00 0.00 ? 10  LYS A CA  1 
ATOM   11  C CA  . LYS A 1 11  ? 3.942   -25.806 18.373  1.00 0.00 ? 11  LYS A CA  1 
ATOM   12  C CA  . ARG A 1 12  ? 1.190   -25.861 21.036  1.00 0.00 ? 12  ARG A CA  1 
ATOM   13  C CA  . ASP A 1 13  ? 3.511   -26.850 23.903  1.00 0.00 ? 13  ASP A CA  1 
ATOM   14  C CA  . GLY A 1 14  ? 6.102   -24.120 23.184  1.00 0.00 ? 14  GLY A CA  1 
ATOM   15  C CA  . HIS A 1 15  ? 8.885   -25.703 21.091  1.00 0.00 ? 15  HIS A CA  1 
ATOM   16  C CA  . ALA A 1 16  ? 9.939   -24.422 17.669  1.00 0.00 ? 16  ALA A CA  1 
ATOM   17  C CA  . LEU A 1 17  ? 9.292   -25.909 14.223  1.00 0.00 ? 17  LEU A CA  1 
ATOM   18  C CA  . SER A 1 18  ? 11.729  -27.181 11.584  1.00 0.00 ? 18  SER A CA  1 
ATOM   19  C CA  . ASP A 1 19  ? 11.833  -25.944 7.980   1.00 0.00 ? 19  ASP A CA  1 
ATOM   20  C CA  . GLU A 1 20  ? 10.810  -29.453 7.029   1.00 0.00 ? 20  GLU A CA  1 
ATOM   21  C CA  . GLU A 1 21  ? 7.876   -29.330 9.432   1.00 0.00 ? 21  GLU A CA  1 
ATOM   22  C CA  . ILE A 1 22  ? 6.835   -25.935 7.984   1.00 0.00 ? 22  ILE A CA  1 
ATOM   23  C CA  . ARG A 1 23  ? 6.910   -26.714 4.217   1.00 0.00 ? 23  ARG A CA  1 
ATOM   24  C CA  . PHE A 1 24  ? 4.571   -29.608 4.767   1.00 0.00 ? 24  PHE A CA  1 
ATOM   25  C CA  . PHE A 1 25  ? 1.905   -27.428 6.349   1.00 0.00 ? 25  PHE A CA  1 
ATOM   26  C CA  . ILE A 1 26  ? 1.901   -25.003 3.407   1.00 0.00 ? 26  ILE A CA  1 
ATOM   27  C CA  . ASN A 1 27  ? 2.261   -27.673 0.759   1.00 0.00 ? 27  ASN A CA  1 
ATOM   28  C CA  . GLY A 1 28  ? -0.599  -29.302 2.608   1.00 0.00 ? 28  GLY A CA  1 
ATOM   29  C CA  . ILE A 1 29  ? -2.401  -25.974 2.671   1.00 0.00 ? 29  ILE A CA  1 
ATOM   30  C CA  . ARG A 1 30  ? -2.180  -25.585 -1.084  1.00 0.00 ? 30  ARG A CA  1 
ATOM   31  C CA  . ASP A 1 31  ? -2.686  -29.231 -1.847  1.00 0.00 ? 31  ASP A CA  1 
ATOM   32  C CA  . ASN A 1 32  ? -5.916  -28.779 0.078   1.00 0.00 ? 32  ASN A CA  1 
ATOM   33  C CA  . THR A 1 33  ? -5.015  -31.644 2.411   1.00 0.00 ? 33  THR A CA  1 
ATOM   34  C CA  . ILE A 1 34  ? -4.968  -29.568 5.579   1.00 0.00 ? 34  ILE A CA  1 
ATOM   35  C CA  . SER A 1 35  ? -8.392  -28.753 7.013   1.00 0.00 ? 35  SER A CA  1 
ATOM   36  C CA  . GLU A 1 36  ? -9.474  -25.185 7.531   1.00 0.00 ? 36  GLU A CA  1 
ATOM   37  C CA  . GLY A 1 37  ? -9.677  -26.528 11.075  1.00 0.00 ? 37  GLY A CA  1 
ATOM   38  C CA  . GLN A 1 38  ? -5.932  -27.147 11.542  1.00 0.00 ? 38  GLN A CA  1 
ATOM   39  C CA  . ILE A 1 39  ? -4.853  -23.701 10.258  1.00 0.00 ? 39  ILE A CA  1 
ATOM   40  C CA  . ALA A 1 40  ? -7.042  -21.982 12.837  1.00 0.00 ? 40  ALA A CA  1 
ATOM   41  C CA  . ALA A 1 41  ? -5.199  -23.928 15.561  1.00 0.00 ? 41  ALA A CA  1 
ATOM   42  C CA  . LEU A 1 42  ? -1.628  -23.554 14.214  1.00 0.00 ? 42  LEU A CA  1 
ATOM   43  C CA  . ALA A 1 43  ? -2.211  -19.806 13.835  1.00 0.00 ? 43  ALA A CA  1 
ATOM   44  C CA  . MET A 1 44  ? -3.422  -19.452 17.426  1.00 0.00 ? 44  MET A CA  1 
ATOM   45  C CA  . THR A 1 45  ? -0.320  -21.398 18.501  1.00 0.00 ? 45  THR A CA  1 
ATOM   46  C CA  . ILE A 1 46  ? 1.946   -18.972 16.696  1.00 0.00 ? 46  ILE A CA  1 
ATOM   47  C CA  . PHE A 1 47  ? -0.053  -16.237 18.381  1.00 0.00 ? 47  PHE A CA  1 
ATOM   48  C CA  . PHE A 1 48  ? 0.389   -17.400 21.999  1.00 0.00 ? 48  PHE A CA  1 
ATOM   49  C CA  . HIS A 1 49  ? 4.003   -18.500 21.424  1.00 0.00 ? 49  HIS A CA  1 
ATOM   50  C CA  . ASP A 1 50  ? 5.520   -16.700 18.379  1.00 0.00 ? 50  ASP A CA  1 
ATOM   51  C CA  . MET A 1 51  ? 8.309   -17.375 15.968  1.00 0.00 ? 51  MET A CA  1 
ATOM   52  C CA  . THR A 1 52  ? 12.048  -17.567 15.824  1.00 0.00 ? 52  THR A CA  1 
ATOM   53  C CA  . MET A 1 53  ? 13.826  -15.747 12.950  1.00 0.00 ? 53  MET A CA  1 
ATOM   54  C CA  . PRO A 1 54  ? 14.939  -19.239 11.961  1.00 0.00 ? 54  PRO A CA  1 
ATOM   55  C CA  . GLU A 1 55  ? 11.221  -19.866 12.476  1.00 0.00 ? 55  GLU A CA  1 
ATOM   56  C CA  . ARG A 1 56  ? 9.968   -16.741 10.681  1.00 0.00 ? 56  ARG A CA  1 
ATOM   57  C CA  . VAL A 1 57  ? 12.292  -16.929 7.629   1.00 0.00 ? 57  VAL A CA  1 
ATOM   58  C CA  . SER A 1 58  ? 10.993  -20.407 6.696   1.00 0.00 ? 58  SER A CA  1 
ATOM   59  C CA  . LEU A 1 59  ? 7.277   -19.548 6.776   1.00 0.00 ? 59  LEU A CA  1 
ATOM   60  C CA  . THR A 1 60  ? 7.581   -16.356 4.794   1.00 0.00 ? 60  THR A CA  1 
ATOM   61  C CA  . MET A 1 61  ? 9.787   -18.477 2.483   1.00 0.00 ? 61  MET A CA  1 
ATOM   62  C CA  . ALA A 1 62  ? 7.662   -21.639 2.151   1.00 0.00 ? 62  ALA A CA  1 
ATOM   63  C CA  . MET A 1 63  ? 4.851   -19.103 1.626   1.00 0.00 ? 63  MET A CA  1 
ATOM   64  C CA  . ARG A 1 64  ? 6.971   -17.749 -1.213  1.00 0.00 ? 64  ARG A CA  1 
ATOM   65  C CA  . ASP A 1 65  ? 7.548   -21.215 -2.758  1.00 0.00 ? 65  ASP A CA  1 
ATOM   66  C CA  . SER A 1 66  ? 3.947   -22.442 -3.358  1.00 0.00 ? 66  SER A CA  1 
ATOM   67  C CA  . GLY A 1 67  ? 3.169   -20.463 -6.492  1.00 0.00 ? 67  GLY A CA  1 
ATOM   68  C CA  . THR A 1 68  ? 4.956   -18.883 -9.432  1.00 0.00 ? 68  THR A CA  1 
ATOM   69  C CA  . VAL A 1 69  ? 8.131   -17.019 -8.443  1.00 0.00 ? 69  VAL A CA  1 
ATOM   70  C CA  . LEU A 1 70  ? 8.581   -14.611 -11.404 1.00 0.00 ? 70  LEU A CA  1 
ATOM   71  C CA  . ASP A 1 71  ? 12.158  -14.275 -12.679 1.00 0.00 ? 71  ASP A CA  1 
ATOM   72  C CA  . TRP A 1 72  ? 13.741  -11.549 -14.793 1.00 0.00 ? 72  TRP A CA  1 
ATOM   73  C CA  . LYS A 1 73  ? 17.121  -13.258 -15.121 1.00 0.00 ? 73  LYS A CA  1 
ATOM   74  C CA  . SER A 1 74  ? 16.444  -13.901 -18.749 1.00 0.00 ? 74  SER A CA  1 
ATOM   75  C CA  . LEU A 1 75  ? 15.523  -10.294 -19.511 1.00 0.00 ? 75  LEU A CA  1 
ATOM   76  C CA  . HIS A 1 76  ? 19.050  -9.232  -20.247 1.00 0.00 ? 76  HIS A CA  1 
ATOM   77  C CA  . LEU A 1 77  ? 17.791  -6.010  -18.643 1.00 0.00 ? 77  LEU A CA  1 
ATOM   78  C CA  . ASN A 1 78  ? 20.530  -4.262  -16.610 1.00 0.00 ? 78  ASN A CA  1 
ATOM   79  C CA  . GLY A 1 79  ? 18.885  -2.174  -13.855 1.00 0.00 ? 79  GLY A CA  1 
ATOM   80  C CA  . PRO A 1 80  ? 17.764  -3.429  -10.434 1.00 0.00 ? 80  PRO A CA  1 
ATOM   81  C CA  . ILE A 1 81  ? 14.314  -4.838  -9.636  1.00 0.00 ? 81  ILE A CA  1 
ATOM   82  C CA  . VAL A 1 82  ? 12.785  -2.919  -6.737  1.00 0.00 ? 82  VAL A CA  1 
ATOM   83  C CA  . ASP A 1 83  ? 9.465   -2.352  -4.976  1.00 0.00 ? 83  ASP A CA  1 
ATOM   84  C CA  . LYS A 1 84  ? 7.608   -0.522  -2.273  1.00 0.00 ? 84  LYS A CA  1 
ATOM   85  C CA  . HIS A 1 85  ? 4.864   -1.604  0.120   1.00 0.00 ? 85  HIS A CA  1 
ATOM   86  C CA  . SER A 1 86  ? 2.724   0.409   2.501   1.00 0.00 ? 86  SER A CA  1 
ATOM   87  C CA  . THR A 1 87  ? 0.585   -0.927  5.310   1.00 0.00 ? 87  THR A CA  1 
ATOM   88  C CA  . GLY A 1 88  ? -2.339  1.202   4.064   1.00 0.00 ? 88  GLY A CA  1 
ATOM   89  C CA  . GLY A 1 89  ? -3.687  4.618   5.065   1.00 0.00 ? 89  GLY A CA  1 
ATOM   90  C CA  . VAL A 1 90  ? -6.080  7.236   3.595   1.00 0.00 ? 90  VAL A CA  1 
ATOM   91  C CA  . GLY A 1 91  ? -4.544  9.441   0.928   1.00 0.00 ? 91  GLY A CA  1 
ATOM   92  C CA  . ASP A 1 92  ? -1.458  7.280   0.249   1.00 0.00 ? 92  ASP A CA  1 
ATOM   93  C CA  . VAL A 1 93  ? -1.496  7.703   -3.523  1.00 0.00 ? 93  VAL A CA  1 
ATOM   94  C CA  . THR A 1 94  ? 2.327   7.361   -3.521  1.00 0.00 ? 94  THR A CA  1 
ATOM   95  C CA  . SER A 1 95  ? 2.601   4.295   -5.796  1.00 0.00 ? 95  SER A CA  1 
ATOM   96  C CA  . LEU A 1 96  ? 1.252   6.206   -8.773  1.00 0.00 ? 96  LEU A CA  1 
ATOM   97  C CA  . MET A 1 97  ? 4.222   8.538   -8.298  1.00 0.00 ? 97  MET A CA  1 
ATOM   98  C CA  . LEU A 1 98  ? 6.915   6.257   -6.807  1.00 0.00 ? 98  LEU A CA  1 
ATOM   99  C CA  . GLY A 1 99  ? 7.197   3.756   -9.697  1.00 0.00 ? 99  GLY A CA  1 
ATOM   100 C CA  . PRO A 1 100 ? 7.220   6.138   -12.653 1.00 0.00 ? 100 PRO A CA  1 
ATOM   101 C CA  . MET A 1 101 ? 9.817   8.034   -10.571 1.00 0.00 ? 101 MET A CA  1 
ATOM   102 C CA  . VAL A 1 102 ? 12.065  5.017   -9.827  1.00 0.00 ? 102 VAL A CA  1 
ATOM   103 C CA  . ALA A 1 103 ? 11.681  3.770   -13.405 1.00 0.00 ? 103 ALA A CA  1 
ATOM   104 C CA  . ALA A 1 104 ? 13.033  7.098   -14.661 1.00 0.00 ? 104 ALA A CA  1 
ATOM   105 C CA  . CYS A 1 105 ? 16.186  6.814   -12.490 1.00 0.00 ? 105 CYS A CA  1 
ATOM   106 C CA  . GLY A 1 106 ? 16.171  3.529   -14.348 1.00 0.00 ? 106 GLY A CA  1 
ATOM   107 C CA  . GLY A 1 107 ? 14.900  0.860   -11.942 1.00 0.00 ? 107 GLY A CA  1 
ATOM   108 C CA  . TYR A 1 108 ? 12.532  -2.062  -12.658 1.00 0.00 ? 108 TYR A CA  1 
ATOM   109 C CA  . ILE A 1 109 ? 9.363   -2.226  -10.591 1.00 0.00 ? 109 ILE A CA  1 
ATOM   110 C CA  . PRO A 1 110 ? 6.904   -5.023  -11.402 1.00 0.00 ? 110 PRO A CA  1 
ATOM   111 C CA  . MET A 1 111 ? 4.537   -3.710  -8.659  1.00 0.00 ? 111 MET A CA  1 
ATOM   112 C CA  . ILE A 1 112 ? 1.963   -6.366  -7.741  1.00 0.00 ? 112 ILE A CA  1 
ATOM   113 C CA  . SER A 1 113 ? -0.464  -4.338  -5.650  1.00 0.00 ? 113 SER A CA  1 
ATOM   114 C CA  . GLY A 1 114 ? -3.958  -4.946  -4.370  1.00 0.00 ? 114 GLY A CA  1 
ATOM   115 C CA  . ARG A 1 115 ? -7.452  -3.770  -3.717  1.00 0.00 ? 115 ARG A CA  1 
ATOM   116 C CA  . GLY A 1 116 ? -8.846  -1.743  -0.833  1.00 0.00 ? 116 GLY A CA  1 
ATOM   117 C CA  . LEU A 1 117 ? -8.397  -3.539  2.455   1.00 0.00 ? 117 LEU A CA  1 
ATOM   118 C CA  . GLY A 1 118 ? -10.807 -2.135  5.094   1.00 0.00 ? 118 GLY A CA  1 
ATOM   119 C CA  . HIS A 1 119 ? -10.853 1.635   5.756   1.00 0.00 ? 119 HIS A CA  1 
ATOM   120 C CA  . THR A 1 120 ? -7.634  1.683   3.747   1.00 0.00 ? 120 THR A CA  1 
ATOM   121 C CA  . GLY A 1 121 ? -7.487  2.452   0.012   1.00 0.00 ? 121 GLY A CA  1 
ATOM   122 C CA  . GLY A 1 122 ? -6.474  0.307   -2.994  1.00 0.00 ? 122 GLY A CA  1 
ATOM   123 C CA  . THR A 1 123 ? -3.893  1.505   -5.501  1.00 0.00 ? 123 THR A CA  1 
ATOM   124 C CA  . LEU A 1 124 ? -5.577  -1.112  -7.638  1.00 0.00 ? 124 LEU A CA  1 
ATOM   125 C CA  . ASP A 1 125 ? -9.105  0.304   -7.405  1.00 0.00 ? 125 ASP A CA  1 
ATOM   126 C CA  . LYS A 1 126 ? -7.665  3.801   -7.707  1.00 0.00 ? 126 LYS A CA  1 
ATOM   127 C CA  . LEU A 1 127 ? -6.231  2.821   -11.153 1.00 0.00 ? 127 LEU A CA  1 
ATOM   128 C CA  . GLU A 1 128 ? -9.263  0.808   -12.278 1.00 0.00 ? 128 GLU A CA  1 
ATOM   129 C CA  . SER A 1 129 ? -10.817 4.283   -12.252 1.00 0.00 ? 129 SER A CA  1 
ATOM   130 C CA  . ILE A 1 130 ? -9.109  4.722   -15.622 1.00 0.00 ? 130 ILE A CA  1 
ATOM   131 C CA  . PRO A 1 131 ? -11.126 3.500   -18.614 1.00 0.00 ? 131 PRO A CA  1 
ATOM   132 C CA  . GLY A 1 132 ? -9.729  0.320   -20.139 1.00 0.00 ? 132 GLY A CA  1 
ATOM   133 C CA  . PHE A 1 133 ? -6.706  0.203   -17.812 1.00 0.00 ? 133 PHE A CA  1 
ATOM   134 C CA  . ASP A 1 134 ? -5.834  -3.484  -17.260 1.00 0.00 ? 134 ASP A CA  1 
ATOM   135 C CA  . ILE A 1 135 ? -4.648  -4.877  -13.920 1.00 0.00 ? 135 ILE A CA  1 
ATOM   136 C CA  . PHE A 1 136 ? -4.485  -8.450  -15.135 1.00 0.00 ? 136 PHE A CA  1 
ATOM   137 C CA  . PRO A 1 137 ? -2.313  -8.312  -18.273 1.00 0.00 ? 137 PRO A CA  1 
ATOM   138 C CA  . ASP A 1 138 ? -1.017  -11.563 -19.749 1.00 0.00 ? 138 ASP A CA  1 
ATOM   139 C CA  . ASP A 1 139 ? 2.074   -12.890 -17.998 1.00 0.00 ? 139 ASP A CA  1 
ATOM   140 C CA  . ASN A 1 140 ? 4.215   -12.200 -21.081 1.00 0.00 ? 140 ASN A CA  1 
ATOM   141 C CA  . ARG A 1 141 ? 2.786   -8.693  -21.298 1.00 0.00 ? 141 ARG A CA  1 
ATOM   142 C CA  . PHE A 1 142 ? 3.894   -8.073  -17.754 1.00 0.00 ? 142 PHE A CA  1 
ATOM   143 C CA  . ARG A 1 143 ? 7.261   -8.573  -19.455 1.00 0.00 ? 143 ARG A CA  1 
ATOM   144 C CA  . GLU A 1 144 ? 6.513   -6.867  -22.740 1.00 0.00 ? 144 GLU A CA  1 
ATOM   145 C CA  . ILE A 1 145 ? 5.801   -3.862  -20.451 1.00 0.00 ? 145 ILE A CA  1 
ATOM   146 C CA  . ILE A 1 146 ? 8.543   -3.799  -17.753 1.00 0.00 ? 146 ILE A CA  1 
ATOM   147 C CA  . LYS A 1 147 ? 11.342  -3.307  -20.248 1.00 0.00 ? 147 LYS A CA  1 
ATOM   148 C CA  . ASP A 1 148 ? 9.572   -0.756  -22.530 1.00 0.00 ? 148 ASP A CA  1 
ATOM   149 C CA  . VAL A 1 149 ? 8.590   1.131   -19.358 1.00 0.00 ? 149 VAL A CA  1 
ATOM   150 C CA  . GLY A 1 150 ? 10.075  -0.239  -16.065 1.00 0.00 ? 150 GLY A CA  1 
ATOM   151 C CA  . VAL A 1 151 ? 6.923   -0.257  -13.873 1.00 0.00 ? 151 VAL A CA  1 
ATOM   152 C CA  . ALA A 1 152 ? 3.460   -1.628  -13.779 1.00 0.00 ? 152 ALA A CA  1 
ATOM   153 C CA  . ILE A 1 153 ? 0.825   -1.968  -11.072 1.00 0.00 ? 153 ILE A CA  1 
ATOM   154 C CA  . ILE A 1 154 ? -1.090  -5.195  -11.547 1.00 0.00 ? 154 ILE A CA  1 
ATOM   155 C CA  . GLY A 1 155 ? -2.909  -7.298  -8.929  1.00 0.00 ? 155 GLY A CA  1 
ATOM   156 C CA  . GLN A 1 156 ? -2.315  -10.727 -7.399  1.00 0.00 ? 156 GLN A CA  1 
ATOM   157 C CA  . THR A 1 157 ? -2.494  -13.310 -10.167 1.00 0.00 ? 157 THR A CA  1 
ATOM   158 C CA  . SER A 1 158 ? -5.416  -15.661 -10.188 1.00 0.00 ? 158 SER A CA  1 
ATOM   159 C CA  . SER A 1 159 ? -3.004  -18.276 -8.672  1.00 0.00 ? 159 SER A CA  1 
ATOM   160 C CA  . LEU A 1 160 ? 0.654   -17.503 -7.858  1.00 0.00 ? 160 LEU A CA  1 
ATOM   161 C CA  . ALA A 1 161 ? 1.257   -17.520 -4.074  1.00 0.00 ? 161 ALA A CA  1 
ATOM   162 C CA  . PRO A 1 162 ? -1.577  -19.921 -3.245  1.00 0.00 ? 162 PRO A CA  1 
ATOM   163 C CA  . ALA A 1 163 ? -1.048  -20.369 0.485   1.00 0.00 ? 163 ALA A CA  1 
ATOM   164 C CA  . ASP A 1 164 ? -1.830  -16.946 1.912   1.00 0.00 ? 164 ASP A CA  1 
ATOM   165 C CA  . LYS A 1 165 ? -5.107  -17.314 0.037   1.00 0.00 ? 165 LYS A CA  1 
ATOM   166 C CA  . ARG A 1 166 ? -6.257  -20.147 2.255   1.00 0.00 ? 166 ARG A CA  1 
ATOM   167 C CA  . PHE A 1 167 ? -4.350  -18.807 5.289   1.00 0.00 ? 167 PHE A CA  1 
ATOM   168 C CA  . TYR A 1 168 ? -5.323  -15.087 5.164   1.00 0.00 ? 168 TYR A CA  1 
ATOM   169 C CA  . ALA A 1 169 ? -8.900  -16.241 4.530   1.00 0.00 ? 169 ALA A CA  1 
ATOM   170 C CA  . THR A 1 170 ? -8.821  -18.364 7.686   1.00 0.00 ? 170 THR A CA  1 
ATOM   171 C CA  . ARG A 1 171 ? -7.345  -15.803 10.111  1.00 0.00 ? 171 ARG A CA  1 
ATOM   172 C CA  . ASP A 1 172 ? -10.028 -13.337 9.190   1.00 0.00 ? 172 ASP A CA  1 
ATOM   173 C CA  . ILE A 1 173 ? -12.983 -15.434 10.400  1.00 0.00 ? 173 ILE A CA  1 
ATOM   174 C CA  . THR A 1 174 ? -10.965 -16.410 13.507  1.00 0.00 ? 174 THR A CA  1 
ATOM   175 C CA  . ALA A 1 175 ? -8.853  -13.914 15.457  1.00 0.00 ? 175 ALA A CA  1 
ATOM   176 C CA  . THR A 1 176 ? -5.425  -14.676 14.035  1.00 0.00 ? 176 THR A CA  1 
ATOM   177 C CA  . VAL A 1 177 ? -4.817  -11.741 11.669  1.00 0.00 ? 177 VAL A CA  1 
ATOM   178 C CA  . ASP A 1 178 ? -2.959  -9.833  14.414  1.00 0.00 ? 178 ASP A CA  1 
ATOM   179 C CA  . SER A 1 179 ? 0.258   -11.821 14.669  1.00 0.00 ? 179 SER A CA  1 
ATOM   180 C CA  . ILE A 1 180 ? 3.424   -10.039 13.823  1.00 0.00 ? 180 ILE A CA  1 
ATOM   181 C CA  . PRO A 1 181 ? 4.720   -13.479 12.795  1.00 0.00 ? 181 PRO A CA  1 
ATOM   182 C CA  . LEU A 1 182 ? 1.839   -14.387 10.502  1.00 0.00 ? 182 LEU A CA  1 
ATOM   183 C CA  . ILE A 1 183 ? 1.584   -10.752 9.402   1.00 0.00 ? 183 ILE A CA  1 
ATOM   184 C CA  . THR A 1 184 ? 5.176   -10.700 8.086   1.00 0.00 ? 184 THR A CA  1 
ATOM   185 C CA  . ALA A 1 185 ? 4.817   -13.671 5.764   1.00 0.00 ? 185 ALA A CA  1 
ATOM   186 C CA  . SER A 1 186 ? 1.856   -12.050 3.963   1.00 0.00 ? 186 SER A CA  1 
ATOM   187 C CA  . ILE A 1 187 ? 3.374   -8.699  3.077   1.00 0.00 ? 187 ILE A CA  1 
ATOM   188 C CA  . LEU A 1 188 ? 6.310   -10.770 1.840   1.00 0.00 ? 188 LEU A CA  1 
ATOM   189 C CA  . ALA A 1 189 ? 4.943   -13.995 0.302   1.00 0.00 ? 189 ALA A CA  1 
ATOM   190 C CA  . LYS A 1 190 ? 3.495   -11.607 -2.256  1.00 0.00 ? 190 LYS A CA  1 
ATOM   191 C CA  . LYS A 1 191 ? 6.483   -9.250  -2.440  1.00 0.00 ? 191 LYS A CA  1 
ATOM   192 C CA  . LEU A 1 192 ? 9.191   -11.983 -2.751  1.00 0.00 ? 192 LEU A CA  1 
ATOM   193 C CA  . ALA A 1 193 ? 7.520   -13.970 -5.544  1.00 0.00 ? 193 ALA A CA  1 
ATOM   194 C CA  . GLU A 1 194 ? 8.084   -10.838 -7.549  1.00 0.00 ? 194 GLU A CA  1 
ATOM   195 C CA  . GLY A 1 195 ? 11.861  -11.357 -7.807  1.00 0.00 ? 195 GLY A CA  1 
ATOM   196 C CA  . LEU A 1 196 ? 13.063  -8.148  -6.161  1.00 0.00 ? 196 LEU A CA  1 
ATOM   197 C CA  . ASP A 1 197 ? 16.724  -7.452  -5.259  1.00 0.00 ? 197 ASP A CA  1 
ATOM   198 C CA  . ALA A 1 198 ? 15.696  -4.535  -3.054  1.00 0.00 ? 198 ALA A CA  1 
ATOM   199 C CA  . LEU A 1 199 ? 12.574  -3.552  -1.161  1.00 0.00 ? 199 LEU A CA  1 
ATOM   200 C CA  . VAL A 1 200 ? 11.424  -0.559  0.904   1.00 0.00 ? 200 VAL A CA  1 
ATOM   201 C CA  . MET A 1 201 ? 8.551   -0.814  3.406   1.00 0.00 ? 201 MET A CA  1 
ATOM   202 C CA  . ASP A 1 202 ? 6.102   1.951   4.331   1.00 0.00 ? 202 ASP A CA  1 
ATOM   203 C CA  . VAL A 1 203 ? 4.893   1.154   7.859   1.00 0.00 ? 203 VAL A CA  1 
ATOM   204 C CA  . LYS A 1 204 ? 2.131   3.553   8.881   1.00 0.00 ? 204 LYS A CA  1 
ATOM   205 C CA  . VAL A 1 205 ? 1.762   5.160   12.258  1.00 0.00 ? 205 VAL A CA  1 
ATOM   206 C CA  . GLY A 1 206 ? -1.252  6.767   13.913  1.00 0.00 ? 206 GLY A CA  1 
ATOM   207 C CA  . SER A 1 207 ? -5.012  7.230   13.664  1.00 0.00 ? 207 SER A CA  1 
ATOM   208 C CA  . GLY A 1 208 ? -5.458  5.641   10.263  1.00 0.00 ? 208 GLY A CA  1 
ATOM   209 C CA  . ALA A 1 209 ? -2.788  2.936   10.545  1.00 0.00 ? 209 ALA A CA  1 
ATOM   210 C CA  . PHE A 1 210 ? -3.054  -0.780  11.292  1.00 0.00 ? 210 PHE A CA  1 
ATOM   211 C CA  . MET A 1 211 ? -0.994  -0.951  14.470  1.00 0.00 ? 211 MET A CA  1 
ATOM   212 C CA  . PRO A 1 212 ? -2.566  1.309   17.107  1.00 0.00 ? 212 PRO A CA  1 
ATOM   213 C CA  . THR A 1 213 ? 0.850   2.216   18.490  1.00 0.00 ? 213 THR A CA  1 
ATOM   214 C CA  . TYR A 1 214 ? 4.344   3.321   17.506  1.00 0.00 ? 214 TYR A CA  1 
ATOM   215 C CA  . GLU A 1 215 ? 5.704   0.228   19.324  1.00 0.00 ? 215 GLU A CA  1 
ATOM   216 C CA  . LEU A 1 216 ? 3.565   -2.165  17.327  1.00 0.00 ? 216 LEU A CA  1 
ATOM   217 C CA  . SER A 1 217 ? 4.392   -0.271  14.107  1.00 0.00 ? 217 SER A CA  1 
ATOM   218 C CA  . GLU A 1 218 ? 8.106   -0.089  14.875  1.00 0.00 ? 218 GLU A CA  1 
ATOM   219 C CA  . ALA A 1 219 ? 8.184   -3.745  15.866  1.00 0.00 ? 219 ALA A CA  1 
ATOM   220 C CA  . LEU A 1 220 ? 6.223   -4.701  12.754  1.00 0.00 ? 220 LEU A CA  1 
ATOM   221 C CA  . ALA A 1 221 ? 8.937   -2.942  10.787  1.00 0.00 ? 221 ALA A CA  1 
ATOM   222 C CA  . GLU A 1 222 ? 11.756  -4.688  12.579  1.00 0.00 ? 222 GLU A CA  1 
ATOM   223 C CA  . ALA A 1 223 ? 10.427  -8.106  11.427  1.00 0.00 ? 223 ALA A CA  1 
ATOM   224 C CA  . ILE A 1 224 ? 10.023  -7.499  7.643   1.00 0.00 ? 224 ILE A CA  1 
ATOM   225 C CA  . VAL A 1 225 ? 13.429  -5.838  7.593   1.00 0.00 ? 225 VAL A CA  1 
ATOM   226 C CA  . GLY A 1 226 ? 14.899  -8.921  9.331   1.00 0.00 ? 226 GLY A CA  1 
ATOM   227 C CA  . VAL A 1 227 ? 12.883  -11.502 7.395   1.00 0.00 ? 227 VAL A CA  1 
ATOM   228 C CA  . ALA A 1 228 ? 13.156  -9.688  4.060   1.00 0.00 ? 228 ALA A CA  1 
ATOM   229 C CA  . ASN A 1 229 ? 16.945  -9.431  4.604   1.00 0.00 ? 229 ASN A CA  1 
ATOM   230 C CA  . GLY A 1 230 ? 17.527  -13.206 4.717   1.00 0.00 ? 230 GLY A CA  1 
ATOM   231 C CA  . ALA A 1 231 ? 15.554  -14.446 1.775   1.00 0.00 ? 231 ALA A CA  1 
ATOM   232 C CA  . GLY A 1 232 ? 18.232  -12.623 -0.073  1.00 0.00 ? 232 GLY A CA  1 
ATOM   233 C CA  . VAL A 1 233 ? 16.214  -9.457  -0.734  1.00 0.00 ? 233 VAL A CA  1 
ATOM   234 C CA  . ARG A 1 234 ? 17.397  -5.970  0.069   1.00 0.00 ? 234 ARG A CA  1 
ATOM   235 C CA  . THR A 1 235 ? 14.995  -4.321  2.499   1.00 0.00 ? 235 THR A CA  1 
ATOM   236 C CA  . THR A 1 236 ? 14.829  -1.056  4.476   1.00 0.00 ? 236 THR A CA  1 
ATOM   237 C CA  . ALA A 1 237 ? 11.813  0.349   6.284   1.00 0.00 ? 237 ALA A CA  1 
ATOM   238 C CA  . LEU A 1 238 ? 10.491  3.864   6.772   1.00 0.00 ? 238 LEU A CA  1 
ATOM   239 C CA  . LEU A 1 239 ? 8.056   4.632   9.562   1.00 0.00 ? 239 LEU A CA  1 
ATOM   240 C CA  . THR A 1 240 ? 5.664   7.298   8.287   1.00 0.00 ? 240 THR A CA  1 
ATOM   241 C CA  . ASP A 1 241 ? 2.664   9.093   9.809   1.00 0.00 ? 241 ASP A CA  1 
ATOM   242 C CA  . MET A 1 242 ? -1.007  8.226   9.150   1.00 0.00 ? 242 MET A CA  1 
ATOM   243 C CA  . ASN A 1 243 ? -2.594  10.522  11.723  1.00 0.00 ? 243 ASN A CA  1 
ATOM   244 C CA  . GLN A 1 244 ? -4.134  12.561  8.934   1.00 0.00 ? 244 GLN A CA  1 
ATOM   245 C CA  . VAL A 1 245 ? -4.803  12.152  5.171   1.00 0.00 ? 245 VAL A CA  1 
ATOM   246 C CA  . LEU A 1 246 ? -1.318  12.282  3.535   1.00 0.00 ? 246 LEU A CA  1 
ATOM   247 C CA  . ALA A 1 247 ? -2.498  13.673  0.168   1.00 0.00 ? 247 ALA A CA  1 
ATOM   248 C CA  . SER A 1 248 ? -5.026  16.502  -0.248  1.00 0.00 ? 248 SER A CA  1 
ATOM   249 C CA  . SER A 1 249 ? -7.451  14.006  -1.875  1.00 0.00 ? 249 SER A CA  1 
ATOM   250 C CA  . ALA A 1 250 ? -8.904  10.714  -0.601  1.00 0.00 ? 250 ALA A CA  1 
ATOM   251 C CA  . GLY A 1 251 ? -10.833 8.378   -2.969  1.00 0.00 ? 251 GLY A CA  1 
ATOM   252 C CA  . ASN A 1 252 ? -10.067 6.736   -6.343  1.00 0.00 ? 252 ASN A CA  1 
ATOM   253 C CA  . ALA A 1 253 ? -10.313 9.158   -9.381  1.00 0.00 ? 253 ALA A CA  1 
ATOM   254 C CA  . VAL A 1 254 ? -9.908  12.258  -7.203  1.00 0.00 ? 254 VAL A CA  1 
ATOM   255 C CA  . GLU A 1 255 ? -6.772  10.507  -5.988  1.00 0.00 ? 255 GLU A CA  1 
ATOM   256 C CA  . VAL A 1 256 ? -5.448  9.325   -9.362  1.00 0.00 ? 256 VAL A CA  1 
ATOM   257 C CA  . ARG A 1 257 ? -5.844  12.954  -10.352 1.00 0.00 ? 257 ARG A CA  1 
ATOM   258 C CA  . GLU A 1 258 ? -3.746  14.343  -7.470  1.00 0.00 ? 258 GLU A CA  1 
ATOM   259 C CA  . ALA A 1 259 ? -0.974  12.115  -8.735  1.00 0.00 ? 259 ALA A CA  1 
ATOM   260 C CA  . VAL A 1 260 ? -1.085  13.562  -12.297 1.00 0.00 ? 260 VAL A CA  1 
ATOM   261 C CA  . GLN A 1 261 ? -0.900  17.102  -10.864 1.00 0.00 ? 261 GLN A CA  1 
ATOM   262 C CA  . PHE A 1 262 ? 2.027   16.157  -8.551  1.00 0.00 ? 262 PHE A CA  1 
ATOM   263 C CA  . LEU A 1 263 ? 3.982   14.843  -11.515 1.00 0.00 ? 263 LEU A CA  1 
ATOM   264 C CA  . THR A 1 264 ? 3.277   17.890  -13.729 1.00 0.00 ? 264 THR A CA  1 
ATOM   265 C CA  . GLY A 1 265 ? 4.153   20.497  -11.128 1.00 0.00 ? 265 GLY A CA  1 
ATOM   266 C CA  . GLU A 1 266 ? 0.636   21.932  -10.788 1.00 0.00 ? 266 GLU A CA  1 
ATOM   267 C CA  . TYR A 1 267 ? 0.195   20.905  -7.108  1.00 0.00 ? 267 TYR A CA  1 
ATOM   268 C CA  . ARG A 1 268 ? 2.344   18.939  -4.612  1.00 0.00 ? 268 ARG A CA  1 
ATOM   269 C CA  . ASN A 1 269 ? 1.344   18.251  -1.007  1.00 0.00 ? 269 ASN A CA  1 
ATOM   270 C CA  . PRO A 1 270 ? 4.264   19.130  1.271   1.00 0.00 ? 270 PRO A CA  1 
ATOM   271 C CA  . ARG A 1 271 ? 3.677   15.913  3.242   1.00 0.00 ? 271 ARG A CA  1 
ATOM   272 C CA  . LEU A 1 272 ? 3.012   13.497  0.358   1.00 0.00 ? 272 LEU A CA  1 
ATOM   273 C CA  . PHE A 1 273 ? 6.167   14.822  -1.259  1.00 0.00 ? 273 PHE A CA  1 
ATOM   274 C CA  . ASP A 1 274 ? 8.323   14.106  1.828   1.00 0.00 ? 274 ASP A CA  1 
ATOM   275 C CA  . VAL A 1 275 ? 6.979   10.483  1.911   1.00 0.00 ? 275 VAL A CA  1 
ATOM   276 C CA  . THR A 1 276 ? 6.968   9.812   -1.863  1.00 0.00 ? 276 THR A CA  1 
ATOM   277 C CA  . MET A 1 277 ? 10.532  11.180  -1.751  1.00 0.00 ? 277 MET A CA  1 
ATOM   278 C CA  . ALA A 1 278 ? 11.989  9.506   1.407   1.00 0.00 ? 278 ALA A CA  1 
ATOM   279 C CA  . LEU A 1 279 ? 10.355  6.272   0.285   1.00 0.00 ? 279 LEU A CA  1 
ATOM   280 C CA  . CYS A 1 280 ? 11.737  6.801   -3.244  1.00 0.00 ? 280 CYS A CA  1 
ATOM   281 C CA  . VAL A 1 281 ? 15.240  7.535   -1.876  1.00 0.00 ? 281 VAL A CA  1 
ATOM   282 C CA  . GLU A 1 282 ? 15.747  4.114   -0.276  1.00 0.00 ? 282 GLU A CA  1 
ATOM   283 C CA  . MET A 1 283 ? 14.605  2.104   -3.330  1.00 0.00 ? 283 MET A CA  1 
ATOM   284 C CA  . LEU A 1 284 ? 17.208  3.950   -5.399  1.00 0.00 ? 284 LEU A CA  1 
ATOM   285 C CA  . ILE A 1 285 ? 20.172  3.299   -3.109  1.00 0.00 ? 285 ILE A CA  1 
ATOM   286 C CA  . SER A 1 286 ? 19.289  -0.354  -2.444  1.00 0.00 ? 286 SER A CA  1 
ATOM   287 C CA  . GLY A 1 287 ? 18.841  -0.679  -6.200  1.00 0.00 ? 287 GLY A CA  1 
ATOM   288 C CA  . LYS A 1 288 ? 22.337  0.773   -6.025  1.00 0.00 ? 288 LYS A CA  1 
ATOM   289 C CA  . LEU A 1 289 ? 21.607  3.725   -8.281  1.00 0.00 ? 289 LEU A CA  1 
ATOM   290 C CA  . ALA A 1 290 ? 22.927  6.260   -5.764  1.00 0.00 ? 290 ALA A CA  1 
ATOM   291 C CA  . LYS A 1 291 ? 24.684  7.073   -2.491  1.00 0.00 ? 291 LYS A CA  1 
ATOM   292 C CA  . ASP A 1 292 ? 21.776  8.865   -0.875  1.00 0.00 ? 292 ASP A CA  1 
ATOM   293 C CA  . ASP A 1 293 ? 19.888  11.933  -0.061  1.00 0.00 ? 293 ASP A CA  1 
ATOM   294 C CA  . ALA A 1 294 ? 21.840  14.184  -2.275  1.00 0.00 ? 294 ALA A CA  1 
ATOM   295 C CA  . GLU A 1 295 ? 22.627  11.948  -5.185  1.00 0.00 ? 295 GLU A CA  1 
ATOM   296 C CA  . ALA A 1 296 ? 19.188  10.423  -4.745  1.00 0.00 ? 296 ALA A CA  1 
ATOM   297 C CA  . ARG A 1 297 ? 17.188  13.553  -3.842  1.00 0.00 ? 297 ARG A CA  1 
ATOM   298 C CA  . ALA A 1 298 ? 18.980  14.794  -6.976  1.00 0.00 ? 298 ALA A CA  1 
ATOM   299 C CA  . LYS A 1 299 ? 18.380  12.154  -9.684  1.00 0.00 ? 299 LYS A CA  1 
ATOM   300 C CA  . LEU A 1 300 ? 14.832  11.902  -8.400  1.00 0.00 ? 300 LEU A CA  1 
ATOM   301 C CA  . GLN A 1 301 ? 13.727  15.537  -8.410  1.00 0.00 ? 301 GLN A CA  1 
ATOM   302 C CA  . ALA A 1 302 ? 15.385  15.934  -11.800 1.00 0.00 ? 302 ALA A CA  1 
ATOM   303 C CA  . VAL A 1 303 ? 13.116  13.309  -13.316 1.00 0.00 ? 303 VAL A CA  1 
ATOM   304 C CA  . LEU A 1 304 ? 10.415  15.385  -11.668 1.00 0.00 ? 304 LEU A CA  1 
ATOM   305 C CA  . ASP A 1 305 ? 11.189  18.708  -13.377 1.00 0.00 ? 305 ASP A CA  1 
ATOM   306 C CA  . ASN A 1 306 ? 12.386  17.096  -16.673 1.00 0.00 ? 306 ASN A CA  1 
ATOM   307 C CA  . GLY A 1 307 ? 8.784   15.974  -16.954 1.00 0.00 ? 307 GLY A CA  1 
ATOM   308 C CA  . LYS A 1 308 ? 10.365  12.599  -17.268 1.00 0.00 ? 308 LYS A CA  1 
ATOM   309 C CA  . ALA A 1 309 ? 8.252   10.924  -14.569 1.00 0.00 ? 309 ALA A CA  1 
ATOM   310 C CA  . ALA A 1 310 ? 5.048   12.437  -16.003 1.00 0.00 ? 310 ALA A CA  1 
ATOM   311 C CA  . GLU A 1 311 ? 6.142   10.684  -19.233 1.00 0.00 ? 311 GLU A CA  1 
ATOM   312 C CA  . VAL A 1 312 ? 6.507   7.096   -18.023 1.00 0.00 ? 312 VAL A CA  1 
ATOM   313 C CA  . PHE A 1 313 ? 3.109   7.354   -16.228 1.00 0.00 ? 313 PHE A CA  1 
ATOM   314 C CA  . GLY A 1 314 ? 1.575   8.304   -19.575 1.00 0.00 ? 314 GLY A CA  1 
ATOM   315 C CA  . ARG A 1 315 ? 3.167   5.254   -21.058 1.00 0.00 ? 315 ARG A CA  1 
ATOM   316 C CA  . MET A 1 316 ? 2.165   2.799   -18.274 1.00 0.00 ? 316 MET A CA  1 
ATOM   317 C CA  . VAL A 1 317 ? -1.437  3.822   -18.831 1.00 0.00 ? 317 VAL A CA  1 
ATOM   318 C CA  . ALA A 1 318 ? -0.815  3.461   -22.577 1.00 0.00 ? 318 ALA A CA  1 
ATOM   319 C CA  . ALA A 1 319 ? 0.697   -0.058  -22.305 1.00 0.00 ? 319 ALA A CA  1 
ATOM   320 C CA  . GLN A 1 320 ? -1.689  -1.219  -19.551 1.00 0.00 ? 320 GLN A CA  1 
ATOM   321 C CA  . LYS A 1 321 ? -4.516  -0.793  -22.061 1.00 0.00 ? 321 LYS A CA  1 
ATOM   322 C CA  . GLY A 1 322 ? -5.803  2.705   -21.148 1.00 0.00 ? 322 GLY A CA  1 
ATOM   323 C CA  . PRO A 1 323 ? -5.819  6.054   -22.959 1.00 0.00 ? 323 PRO A CA  1 
ATOM   324 C CA  . THR A 1 324 ? -2.875  7.320   -25.009 1.00 0.00 ? 324 THR A CA  1 
ATOM   325 C CA  . ASP A 1 325 ? -3.486  10.985  -24.039 1.00 0.00 ? 325 ASP A CA  1 
ATOM   326 C CA  . PHE A 1 326 ? -4.384  10.588  -20.354 1.00 0.00 ? 326 PHE A CA  1 
ATOM   327 C CA  . VAL A 1 327 ? -1.931  12.879  -18.461 1.00 0.00 ? 327 VAL A CA  1 
ATOM   328 C CA  . GLU A 1 328 ? -2.696  15.468  -21.112 1.00 0.00 ? 328 GLU A CA  1 
ATOM   329 C CA  . ASN A 1 329 ? -6.427  14.820  -21.133 1.00 0.00 ? 329 ASN A CA  1 
ATOM   330 C CA  . TYR A 1 330 ? -7.366  13.123  -17.878 1.00 0.00 ? 330 TYR A CA  1 
ATOM   331 C CA  . ALA A 1 331 ? -10.301 15.445  -17.235 1.00 0.00 ? 331 ALA A CA  1 
ATOM   332 C CA  . LYS A 1 332 ? -12.043 13.683  -20.177 1.00 0.00 ? 332 LYS A CA  1 
ATOM   333 C CA  . TYR A 1 333 ? -11.557 10.027  -19.046 1.00 0.00 ? 333 TYR A CA  1 
ATOM   334 C CA  . LEU A 1 334 ? -11.950 10.676  -15.369 1.00 0.00 ? 334 LEU A CA  1 
ATOM   335 C CA  . PRO A 1 335 ? -15.405 10.191  -13.901 1.00 0.00 ? 335 PRO A CA  1 
ATOM   336 C CA  . THR A 1 336 ? -16.801 13.155  -11.967 1.00 0.00 ? 336 THR A CA  1 
ATOM   337 C CA  . ALA A 1 337 ? -19.479 13.427  -9.257  1.00 0.00 ? 337 ALA A CA  1 
ATOM   338 C CA  . MET A 1 338 ? -22.973 14.860  -9.642  1.00 0.00 ? 338 MET A CA  1 
ATOM   339 C CA  . LEU A 1 339 ? -22.713 16.844  -6.391  1.00 0.00 ? 339 LEU A CA  1 
ATOM   340 C CA  . THR A 1 340 ? -19.379 18.415  -5.383  1.00 0.00 ? 340 THR A CA  1 
ATOM   341 C CA  . LYS A 1 341 ? -19.481 20.975  -2.546  1.00 0.00 ? 341 LYS A CA  1 
ATOM   342 C CA  . ALA A 1 342 ? -17.485 22.039  0.523   1.00 0.00 ? 342 ALA A CA  1 
ATOM   343 C CA  . VAL A 1 343 ? -17.880 21.083  4.228   1.00 0.00 ? 343 VAL A CA  1 
ATOM   344 C CA  . TYR A 1 344 ? -17.573 24.022  6.596   1.00 0.00 ? 344 TYR A CA  1 
ATOM   345 C CA  . ALA A 1 345 ? -17.225 23.546  10.320  1.00 0.00 ? 345 ALA A CA  1 
ATOM   346 C CA  . ASP A 1 346 ? -19.582 24.635  13.024  1.00 0.00 ? 346 ASP A CA  1 
ATOM   347 C CA  . THR A 1 347 ? -16.812 26.689  14.553  1.00 0.00 ? 347 THR A CA  1 
ATOM   348 C CA  . GLU A 1 348 ? -13.676 28.637  13.891  1.00 0.00 ? 348 GLU A CA  1 
ATOM   349 C CA  . GLY A 1 349 ? -10.462 27.415  15.489  1.00 0.00 ? 349 GLY A CA  1 
ATOM   350 C CA  . PHE A 1 350 ? -7.511  25.272  14.357  1.00 0.00 ? 350 PHE A CA  1 
ATOM   351 C CA  . VAL A 1 351 ? -7.358  21.507  13.596  1.00 0.00 ? 351 VAL A CA  1 
ATOM   352 C CA  . SER A 1 352 ? -6.082  19.158  16.306  1.00 0.00 ? 352 SER A CA  1 
ATOM   353 C CA  . GLU A 1 353 ? -7.104  15.537  15.709  1.00 0.00 ? 353 GLU A CA  1 
ATOM   354 C CA  . MET A 1 354 ? -8.214  13.526  12.706  1.00 0.00 ? 354 MET A CA  1 
ATOM   355 C CA  . ASP A 1 355 ? -9.939  10.164  13.068  1.00 0.00 ? 355 ASP A CA  1 
ATOM   356 C CA  . THR A 1 356 ? -8.073  9.137   9.931   1.00 0.00 ? 356 THR A CA  1 
ATOM   357 C CA  . ARG A 1 357 ? -9.850  5.833   10.402  1.00 0.00 ? 357 ARG A CA  1 
ATOM   358 C CA  . ALA A 1 358 ? -13.235 7.569   10.301  1.00 0.00 ? 358 ALA A CA  1 
ATOM   359 C CA  . LEU A 1 359 ? -12.323 9.432   7.143   1.00 0.00 ? 359 LEU A CA  1 
ATOM   360 C CA  . GLY A 1 360 ? -11.259 6.062   5.789   1.00 0.00 ? 360 GLY A CA  1 
ATOM   361 C CA  . MET A 1 361 ? -14.729 4.528   6.254   1.00 0.00 ? 361 MET A CA  1 
ATOM   362 C CA  . ALA A 1 362 ? -16.766 7.632   5.283   1.00 0.00 ? 362 ALA A CA  1 
ATOM   363 C CA  . VAL A 1 363 ? -15.235 7.200   1.804   1.00 0.00 ? 363 VAL A CA  1 
ATOM   364 C CA  . VAL A 1 364 ? -16.432 3.626   1.923   1.00 0.00 ? 364 VAL A CA  1 
ATOM   365 C CA  . ALA A 1 365 ? -19.861 4.701   3.124   1.00 0.00 ? 365 ALA A CA  1 
ATOM   366 C CA  . MET A 1 366 ? -20.231 7.038   0.168   1.00 0.00 ? 366 MET A CA  1 
ATOM   367 C CA  . GLY A 1 367 ? -19.453 4.006   -2.058  1.00 0.00 ? 367 GLY A CA  1 
ATOM   368 C CA  . GLY A 1 368 ? -15.774 4.550   -2.983  1.00 0.00 ? 368 GLY A CA  1 
ATOM   369 C CA  . GLY A 1 369 ? -14.833 1.353   -1.160  1.00 0.00 ? 369 GLY A CA  1 
ATOM   370 C CA  . ARG A 1 370 ? -15.815 -2.264  -0.764  1.00 0.00 ? 370 ARG A CA  1 
ATOM   371 C CA  . ARG A 1 371 ? -17.776 -3.508  2.223   1.00 0.00 ? 371 ARG A CA  1 
ATOM   372 C CA  . GLN A 1 372 ? -17.547 -7.094  0.954   1.00 0.00 ? 372 GLN A CA  1 
ATOM   373 C CA  . ALA A 1 373 ? -15.527 -8.696  -1.856  1.00 0.00 ? 373 ALA A CA  1 
ATOM   374 C CA  . SER A 1 374 ? -18.444 -8.497  -4.312  1.00 0.00 ? 374 SER A CA  1 
ATOM   375 C CA  . ASP A 1 375 ? -19.226 -4.787  -3.865  1.00 0.00 ? 375 ASP A CA  1 
ATOM   376 C CA  . THR A 1 376 ? -19.115 -2.496  -6.906  1.00 0.00 ? 376 THR A CA  1 
ATOM   377 C CA  . ILE A 1 377 ? -17.594 0.961   -6.552  1.00 0.00 ? 377 ILE A CA  1 
ATOM   378 C CA  . ASP A 1 378 ? -18.535 4.440   -7.670  1.00 0.00 ? 378 ASP A CA  1 
ATOM   379 C CA  . TYR A 1 379 ? -15.114 5.853   -8.725  1.00 0.00 ? 379 TYR A CA  1 
ATOM   380 C CA  . SER A 1 380 ? -16.286 9.513   -8.676  1.00 0.00 ? 380 SER A CA  1 
ATOM   381 C CA  . VAL A 1 381 ? -16.873 9.776   -4.928  1.00 0.00 ? 381 VAL A CA  1 
ATOM   382 C CA  . GLY A 1 382 ? -14.286 10.849  -2.341  1.00 0.00 ? 382 GLY A CA  1 
ATOM   383 C CA  . PHE A 1 383 ? -12.718 13.759  -0.553  1.00 0.00 ? 383 PHE A CA  1 
ATOM   384 C CA  . THR A 1 384 ? -10.966 16.651  -2.223  1.00 0.00 ? 384 THR A CA  1 
ATOM   385 C CA  . ASP A 1 385 ? -9.299  19.885  -1.112  1.00 0.00 ? 385 ASP A CA  1 
ATOM   386 C CA  . MET A 1 386 ? -8.717  18.500  2.365   1.00 0.00 ? 386 MET A CA  1 
ATOM   387 C CA  . ALA A 1 387 ? -7.589  20.517  5.437   1.00 0.00 ? 387 ALA A CA  1 
ATOM   388 C CA  . ARG A 1 388 ? -4.611  19.411  7.550   1.00 0.00 ? 388 ARG A CA  1 
ATOM   389 C CA  . LEU A 1 389 ? -3.412  19.898  11.121  1.00 0.00 ? 389 LEU A CA  1 
ATOM   390 C CA  . GLY A 1 390 ? -2.664  23.426  12.352  1.00 0.00 ? 390 GLY A CA  1 
ATOM   391 C CA  . ASP A 1 391 ? -4.701  24.899  9.517   1.00 0.00 ? 391 ASP A CA  1 
ATOM   392 C CA  . GLN A 1 392 ? -7.029  27.587  10.871  1.00 0.00 ? 392 GLN A CA  1 
ATOM   393 C CA  . VAL A 1 393 ? -10.421 26.613  9.520   1.00 0.00 ? 393 VAL A CA  1 
ATOM   394 C CA  . ASP A 1 394 ? -12.574 29.677  9.498   1.00 0.00 ? 394 ASP A CA  1 
ATOM   395 C CA  . GLY A 1 395 ? -15.445 30.765  7.269   1.00 0.00 ? 395 GLY A CA  1 
ATOM   396 C CA  . GLN A 1 396 ? -13.712 30.739  3.912   1.00 0.00 ? 396 GLN A CA  1 
ATOM   397 C CA  . ARG A 1 397 ? -11.702 27.604  4.518   1.00 0.00 ? 397 ARG A CA  1 
ATOM   398 C CA  . PRO A 1 398 ? -13.517 24.299  4.365   1.00 0.00 ? 398 PRO A CA  1 
ATOM   399 C CA  . LEU A 1 399 ? -12.581 21.200  6.321   1.00 0.00 ? 399 LEU A CA  1 
ATOM   400 C CA  . ALA A 1 400 ? -12.633 19.527  2.936   1.00 0.00 ? 400 ALA A CA  1 
ATOM   401 C CA  . VAL A 1 401 ? -14.769 19.512  -0.211  1.00 0.00 ? 401 VAL A CA  1 
ATOM   402 C CA  . ILE A 1 402 ? -16.810 16.399  -0.921  1.00 0.00 ? 402 ILE A CA  1 
ATOM   403 C CA  . HIS A 1 403 ? -17.627 14.734  -4.239  1.00 0.00 ? 403 HIS A CA  1 
ATOM   404 C CA  . ALA A 1 404 ? -20.882 12.733  -3.989  1.00 0.00 ? 404 ALA A CA  1 
ATOM   405 C CA  . LYS A 1 405 ? -23.691 10.968  -5.883  1.00 0.00 ? 405 LYS A CA  1 
ATOM   406 C CA  . ASP A 1 406 ? -26.932 12.199  -4.283  1.00 0.00 ? 406 ASP A CA  1 
ATOM   407 C CA  . GLU A 1 407 ? -27.486 14.879  -1.566  1.00 0.00 ? 407 GLU A CA  1 
ATOM   408 C CA  . ASN A 1 408 ? -28.158 12.053  0.956   1.00 0.00 ? 408 ASN A CA  1 
ATOM   409 C CA  . ASN A 1 409 ? -24.702 10.620  0.227   1.00 0.00 ? 409 ASN A CA  1 
ATOM   410 C CA  . TRP A 1 410 ? -23.402 14.142  0.900   1.00 0.00 ? 410 TRP A CA  1 
ATOM   411 C CA  . GLN A 1 411 ? -25.328 14.641  4.168   1.00 0.00 ? 411 GLN A CA  1 
ATOM   412 C CA  . GLU A 1 412 ? -23.943 11.496  5.844   1.00 0.00 ? 412 GLU A CA  1 
ATOM   413 C CA  . ALA A 1 413 ? -20.443 12.284  4.598   1.00 0.00 ? 413 ALA A CA  1 
ATOM   414 C CA  . ALA A 1 414 ? -20.342 15.870  5.940   1.00 0.00 ? 414 ALA A CA  1 
ATOM   415 C CA  . LYS A 1 415 ? -21.839 14.626  9.135   1.00 0.00 ? 415 LYS A CA  1 
ATOM   416 C CA  . ALA A 1 416 ? -19.166 11.897  8.882   1.00 0.00 ? 416 ALA A CA  1 
ATOM   417 C CA  . VAL A 1 417 ? -16.324 14.361  8.193   1.00 0.00 ? 417 VAL A CA  1 
ATOM   418 C CA  . LYS A 1 418 ? -17.650 16.730  10.809  1.00 0.00 ? 418 LYS A CA  1 
ATOM   419 C CA  . ALA A 1 419 ? -17.019 14.211  13.657  1.00 0.00 ? 419 ALA A CA  1 
ATOM   420 C CA  . ALA A 1 420 ? -13.513 12.930  12.797  1.00 0.00 ? 420 ALA A CA  1 
ATOM   421 C CA  . ILE A 1 421 ? -11.773 16.280  12.970  1.00 0.00 ? 421 ILE A CA  1 
ATOM   422 C CA  . LYS A 1 422 ? -11.492 18.178  16.265  1.00 0.00 ? 422 LYS A CA  1 
ATOM   423 C CA  . LEU A 1 423 ? -10.872 21.971  16.277  1.00 0.00 ? 423 LEU A CA  1 
ATOM   424 C CA  . ALA A 1 424 ? -8.798  23.705  18.942  1.00 0.00 ? 424 ALA A CA  1 
ATOM   425 C CA  . ASP A 1 425 ? -7.952  27.219  20.027  1.00 0.00 ? 425 ASP A CA  1 
ATOM   426 C CA  . LYS A 1 426 ? -4.357  26.130  20.074  1.00 0.00 ? 426 LYS A CA  1 
ATOM   427 C CA  . ALA A 1 427 ? -2.461  24.951  17.013  1.00 0.00 ? 427 ALA A CA  1 
ATOM   428 C CA  . PRO A 1 428 ? -1.642  21.260  17.386  1.00 0.00 ? 428 PRO A CA  1 
ATOM   429 C CA  . GLU A 1 429 ? 1.859   19.924  17.933  1.00 0.00 ? 429 GLU A CA  1 
ATOM   430 C CA  . SER A 1 430 ? 3.820   19.647  14.638  1.00 0.00 ? 430 SER A CA  1 
ATOM   431 C CA  . THR A 1 431 ? 4.506   15.923  14.191  1.00 0.00 ? 431 THR A CA  1 
ATOM   432 C CA  . PRO A 1 432 ? 7.085   14.439  11.825  1.00 0.00 ? 432 PRO A CA  1 
ATOM   433 C CA  . THR A 1 433 ? 5.905   12.960  8.552   1.00 0.00 ? 433 THR A CA  1 
ATOM   434 C CA  . VAL A 1 434 ? 8.824   10.491  8.628   1.00 0.00 ? 434 VAL A CA  1 
ATOM   435 C CA  . TYR A 1 435 ? 9.880   9.160   12.034  1.00 0.00 ? 435 TYR A CA  1 
ATOM   436 C CA  . ARG A 1 436 ? 12.697  6.556   11.704  1.00 0.00 ? 436 ARG A CA  1 
ATOM   437 C CA  . ARG A 1 437 ? 14.524  4.463   9.078   1.00 0.00 ? 437 ARG A CA  1 
ATOM   438 C CA  . ILE A 1 438 ? 14.598  0.793   10.125  1.00 0.00 ? 438 ILE A CA  1 
ATOM   439 C CA  . SER A 1 439 ? 17.437  -0.759  8.245   1.00 0.00 ? 439 SER A CA  1 
ATOM   440 C CA  . GLU A 1 440 ? 19.694  -3.750  7.867   1.00 0.00 ? 440 GLU A CA  1 
HETATM 441 S S   . SO4 B 2 .   ? 0.453   0.245   -2.243  1.00 0.00 ? 441 SO4 A S   1 
HETATM 442 O O1  . SO4 B 2 .   ? -0.483  0.361   -1.068  1.00 0.00 ? 441 SO4 A O1  1 
HETATM 443 O O2  . SO4 B 2 .   ? 1.045   1.671   -2.505  1.00 0.00 ? 441 SO4 A O2  1 
HETATM 444 O O3  . SO4 B 2 .   ? 1.522   -0.759  -2.116  1.00 0.00 ? 441 SO4 A O3  1 
HETATM 445 O O4  . SO4 B 2 .   ? -0.444  0.156   -3.499  1.00 0.00 ? 441 SO4 A O4  1 
HETATM 446 N N1  . TDR C 3 .   ? -1.744  -7.839  4.504   1.00 0.00 ? 442 TDR A N1  1 
HETATM 447 C C2  . TDR C 3 .   ? -1.614  -9.135  4.067   1.00 0.00 ? 442 TDR A C2  1 
HETATM 448 O O2  . TDR C 3 .   ? -1.400  -9.422  2.900   1.00 0.00 ? 442 TDR A O2  1 
HETATM 449 N N3  . TDR C 3 .   ? -1.741  -10.105 5.040   1.00 0.00 ? 442 TDR A N3  1 
HETATM 450 C C4  . TDR C 3 .   ? -1.982  -9.893  6.382   1.00 0.00 ? 442 TDR A C4  1 
HETATM 451 O O4  . TDR C 3 .   ? -2.078  -10.844 7.161   1.00 0.00 ? 442 TDR A O4  1 
HETATM 452 C C5  . TDR C 3 .   ? -2.104  -8.501  6.745   1.00 0.00 ? 442 TDR A C5  1 
HETATM 453 C CM5 . TDR C 3 .   ? -2.367  -8.179  8.186   1.00 0.00 ? 442 TDR A CM5 1 
HETATM 454 C C6  . TDR C 3 .   ? -1.984  -7.536  5.819   1.00 0.00 ? 442 TDR A C6  1 
# 
